data_4NY2
#
_entry.id   4NY2
#
_cell.length_a   61.900
_cell.length_b   112.540
_cell.length_c   69.360
_cell.angle_alpha   90.00
_cell.angle_beta   94.05
_cell.angle_gamma   90.00
#
_symmetry.space_group_name_H-M   'P 1 21 1'
#
loop_
_entity.id
_entity.type
_entity.pdbx_description
1 polymer 'Deacetylase DA1'
2 non-polymer 'ZINC ION'
3 non-polymer 'CALCIUM ION'
4 non-polymer 'ACETATE ION'
5 non-polymer GLYCEROL
6 water water
#
_entity_poly.entity_id   1
_entity_poly.type   'polypeptide(L)'
_entity_poly.pdbx_seq_one_letter_code
;MNSTPKGTIYLTFDDGPVNASVEVIKVLNQGGVKATFYFNAWHLDGIGDENEDRALEALKLALDSGHIVGNHSYDHMIHN
CVEEFGPTSGADCNATGNHQIHSYQDPVRDAASFEQNLITLEKYLPTIRSYPNYKGYELARLPYTNGWRVTKHFQADGLC
ATSDNLKPWEPGYVCDPANPSNSVKASIQVQNILANQGYQTHGWDVDWAPENWGIPMPANSLTEAVPFLAYVDKALNSCS
PTTIEPINSKTQEFPCGTPLHADKVIVLTHDFLFEDGKRGMGATQNLPKLAEFIRIAKEAGYVFDTMDNYTPRWSVGKTY
QAGEYVLYQGVVYKAVISHTAQQDWAPSSTSSLWTNADPATNWTLNVSYEQGDIVNYKGKRYLVSVPHVSQQDWTPDTQN
TLFTALELRRQWSHPQFEK
;
_entity_poly.pdbx_strand_id   A,B
#
loop_
_chem_comp.id
_chem_comp.type
_chem_comp.name
_chem_comp.formula
ACT non-polymer 'ACETATE ION' 'C2 H3 O2 -1'
CA non-polymer 'CALCIUM ION' 'Ca 2'
GOL non-polymer GLYCEROL 'C3 H8 O3'
ZN non-polymer 'ZINC ION' 'Zn 2'
#
# COMPACT_ATOMS: atom_id res chain seq x y z
C THR A 4 29.99 9.89 19.32
N PRO A 5 29.26 9.17 18.46
CA PRO A 5 29.84 8.02 17.78
C PRO A 5 30.67 8.50 16.61
N LYS A 6 31.71 7.76 16.22
CA LYS A 6 32.46 8.19 15.04
C LYS A 6 31.61 7.95 13.80
N GLY A 7 30.60 7.11 13.90
CA GLY A 7 29.69 6.88 12.79
C GLY A 7 28.60 5.86 13.07
N THR A 8 27.68 5.71 12.13
CA THR A 8 26.60 4.74 12.22
C THR A 8 26.71 3.76 11.07
N ILE A 9 26.66 2.47 11.40
CA ILE A 9 26.71 1.38 10.46
C ILE A 9 25.29 0.84 10.33
N TYR A 10 24.86 0.62 9.10
CA TYR A 10 23.60 -0.05 8.83
C TYR A 10 23.85 -1.41 8.21
N LEU A 11 23.75 -2.45 9.01
CA LEU A 11 23.88 -3.81 8.49
C LEU A 11 22.60 -4.20 7.76
N THR A 12 22.75 -4.56 6.49
CA THR A 12 21.61 -4.95 5.67
C THR A 12 21.88 -6.32 5.01
N PHE A 13 20.94 -7.23 5.19
CA PHE A 13 21.01 -8.59 4.69
C PHE A 13 19.98 -8.80 3.58
N ASP A 14 20.43 -9.27 2.40
CA ASP A 14 19.53 -9.52 1.28
C ASP A 14 19.32 -11.01 0.99
N ASP A 15 18.11 -11.32 0.52
CA ASP A 15 17.77 -12.55 -0.20
C ASP A 15 17.17 -13.63 0.70
N GLY A 16 17.04 -13.33 1.99
CA GLY A 16 16.25 -14.15 2.88
C GLY A 16 14.76 -14.07 2.55
N PRO A 17 13.92 -14.73 3.33
CA PRO A 17 14.26 -15.51 4.52
C PRO A 17 14.59 -16.97 4.19
N VAL A 18 15.73 -17.46 4.67
CA VAL A 18 16.14 -18.83 4.40
C VAL A 18 16.66 -19.46 5.68
N ASN A 19 17.01 -20.74 5.64
CA ASN A 19 17.45 -21.42 6.86
C ASN A 19 18.62 -20.66 7.49
N ALA A 20 19.51 -20.18 6.64
CA ALA A 20 20.74 -19.50 7.07
C ALA A 20 20.47 -18.26 7.90
N SER A 21 19.34 -17.60 7.63
CA SER A 21 18.94 -16.41 8.37
C SER A 21 18.80 -16.64 9.88
N VAL A 22 18.42 -17.85 10.28
CA VAL A 22 18.20 -18.09 11.70
C VAL A 22 19.45 -17.81 12.53
N GLU A 23 20.59 -18.36 12.13
CA GLU A 23 21.79 -18.18 12.92
C GLU A 23 22.30 -16.76 12.81
N VAL A 24 22.07 -16.11 11.68
CA VAL A 24 22.50 -14.72 11.56
C VAL A 24 21.76 -13.88 12.56
N ILE A 25 20.45 -14.07 12.64
CA ILE A 25 19.64 -13.31 13.55
C ILE A 25 20.13 -13.49 14.98
N LYS A 26 20.46 -14.71 15.36
CA LYS A 26 20.90 -14.96 16.73
C LYS A 26 22.25 -14.30 17.05
N VAL A 27 23.17 -14.27 16.09
CA VAL A 27 24.40 -13.53 16.30
C VAL A 27 24.13 -12.04 16.48
N LEU A 28 23.20 -11.49 15.69
CA LEU A 28 22.87 -10.08 15.86
C LEU A 28 22.28 -9.82 17.25
N ASN A 29 21.38 -10.70 17.71
CA ASN A 29 20.76 -10.52 19.01
C ASN A 29 21.80 -10.57 20.15
N GLN A 30 22.73 -11.50 20.06
CA GLN A 30 23.75 -11.66 21.08
CA GLN A 30 23.78 -11.66 21.05
C GLN A 30 24.72 -10.49 21.03
N GLY A 31 24.85 -9.88 19.84
CA GLY A 31 25.72 -8.74 19.69
C GLY A 31 25.04 -7.44 20.08
N GLY A 32 23.76 -7.49 20.41
CA GLY A 32 23.01 -6.31 20.80
C GLY A 32 22.84 -5.29 19.68
N VAL A 33 22.59 -5.75 18.45
CA VAL A 33 22.29 -4.84 17.37
C VAL A 33 21.05 -5.27 16.60
N LYS A 34 20.42 -4.30 15.96
CA LYS A 34 19.34 -4.52 15.03
C LYS A 34 19.85 -4.30 13.61
N ALA A 35 19.31 -5.04 12.67
CA ALA A 35 19.72 -4.93 11.28
C ALA A 35 18.46 -4.87 10.42
N THR A 36 18.66 -4.67 9.12
CA THR A 36 17.57 -4.61 8.16
C THR A 36 17.69 -5.78 7.20
N PHE A 37 16.60 -6.52 7.00
CA PHE A 37 16.55 -7.65 6.08
C PHE A 37 15.66 -7.33 4.87
N TYR A 38 16.23 -7.37 3.67
CA TYR A 38 15.49 -7.20 2.44
C TYR A 38 15.15 -8.58 1.88
N PHE A 39 13.89 -8.94 2.02
CA PHE A 39 13.44 -10.31 1.81
C PHE A 39 12.75 -10.54 0.47
N ASN A 40 12.86 -11.79 0.01
CA ASN A 40 12.18 -12.32 -1.17
C ASN A 40 11.27 -13.46 -0.74
N ALA A 41 9.96 -13.24 -0.78
CA ALA A 41 9.00 -14.19 -0.21
C ALA A 41 8.91 -15.50 -0.99
N TRP A 42 9.53 -15.59 -2.15
CA TRP A 42 9.44 -16.86 -2.87
C TRP A 42 10.05 -18.00 -2.06
N HIS A 43 10.90 -17.68 -1.08
CA HIS A 43 11.47 -18.75 -0.24
C HIS A 43 10.40 -19.38 0.64
N LEU A 44 9.34 -18.63 0.93
CA LEU A 44 8.24 -19.14 1.73
C LEU A 44 7.43 -20.15 0.92
N ASP A 45 7.39 -19.97 -0.40
CA ASP A 45 6.71 -20.91 -1.28
C ASP A 45 7.55 -22.15 -1.57
N GLY A 46 8.81 -22.13 -1.15
CA GLY A 46 9.70 -23.27 -1.34
C GLY A 46 10.25 -23.43 -2.74
N ILE A 47 10.29 -22.35 -3.50
CA ILE A 47 10.71 -22.44 -4.88
C ILE A 47 11.96 -21.60 -5.20
N GLY A 48 12.64 -21.14 -4.16
CA GLY A 48 13.75 -20.21 -4.32
C GLY A 48 15.12 -20.87 -4.46
N ASP A 49 15.14 -22.21 -4.50
CA ASP A 49 16.36 -23.01 -4.67
C ASP A 49 17.43 -22.78 -3.60
N GLU A 50 17.02 -22.61 -2.36
CA GLU A 50 17.93 -22.60 -1.22
C GLU A 50 17.41 -23.55 -0.16
N ASN A 51 18.20 -23.79 0.89
CA ASN A 51 17.70 -24.46 2.07
C ASN A 51 16.71 -23.48 2.71
N GLU A 52 15.43 -23.76 2.60
CA GLU A 52 14.41 -22.78 2.97
C GLU A 52 13.20 -23.36 3.70
N ASP A 53 13.29 -24.58 4.21
CA ASP A 53 12.16 -25.14 4.95
C ASP A 53 11.89 -24.39 6.25
N ARG A 54 12.88 -23.66 6.78
CA ARG A 54 12.68 -22.86 7.96
C ARG A 54 12.43 -21.38 7.65
N ALA A 55 12.04 -21.08 6.40
CA ALA A 55 11.86 -19.69 5.96
C ALA A 55 10.90 -18.94 6.86
N LEU A 56 9.73 -19.51 7.08
CA LEU A 56 8.72 -18.84 7.90
C LEU A 56 9.19 -18.67 9.34
N GLU A 57 9.87 -19.68 9.87
CA GLU A 57 10.44 -19.56 11.19
C GLU A 57 11.43 -18.38 11.25
N ALA A 58 12.23 -18.20 10.21
CA ALA A 58 13.21 -17.12 10.19
C ALA A 58 12.55 -15.74 10.10
N LEU A 59 11.51 -15.63 9.29
CA LEU A 59 10.79 -14.37 9.15
C LEU A 59 10.18 -13.98 10.49
N LYS A 60 9.60 -14.96 11.17
CA LYS A 60 9.06 -14.73 12.50
C LYS A 60 10.17 -14.34 13.48
N LEU A 61 11.33 -14.98 13.41
CA LEU A 61 12.38 -14.68 14.39
C LEU A 61 12.92 -13.27 14.15
N ALA A 62 13.00 -12.86 12.89
CA ALA A 62 13.58 -11.56 12.58
C ALA A 62 12.64 -10.52 13.17
N LEU A 63 11.34 -10.73 12.96
CA LEU A 63 10.34 -9.77 13.41
C LEU A 63 10.21 -9.73 14.93
N ASP A 64 10.27 -10.89 15.58
CA ASP A 64 10.05 -10.96 17.01
C ASP A 64 11.28 -10.36 17.70
N SER A 65 12.43 -10.44 17.01
CA SER A 65 13.66 -9.89 17.57
C SER A 65 13.81 -8.40 17.35
N GLY A 66 12.90 -7.79 16.60
CA GLY A 66 12.94 -6.34 16.40
C GLY A 66 13.71 -5.89 15.18
N HIS A 67 14.14 -6.79 14.32
CA HIS A 67 14.86 -6.35 13.11
C HIS A 67 13.85 -5.82 12.11
N ILE A 68 14.30 -4.95 11.20
CA ILE A 68 13.40 -4.36 10.23
C ILE A 68 13.30 -5.23 9.01
N VAL A 69 12.09 -5.46 8.51
CA VAL A 69 11.89 -6.22 7.28
C VAL A 69 11.49 -5.30 6.12
N GLY A 70 12.19 -5.41 5.01
CA GLY A 70 12.02 -4.53 3.86
C GLY A 70 11.83 -5.40 2.63
N ASN A 71 11.52 -4.75 1.50
CA ASN A 71 11.01 -5.46 0.31
C ASN A 71 12.07 -5.59 -0.78
N HIS A 72 12.46 -6.83 -1.12
CA HIS A 72 13.49 -7.09 -2.14
C HIS A 72 12.89 -7.70 -3.45
N SER A 73 11.55 -7.68 -3.54
CA SER A 73 10.73 -8.28 -4.61
C SER A 73 10.42 -9.74 -4.29
N TYR A 74 9.33 -10.24 -4.87
CA TYR A 74 8.87 -11.61 -4.60
C TYR A 74 9.88 -12.68 -5.04
N ASP A 75 10.39 -12.58 -6.26
CA ASP A 75 11.22 -13.65 -6.81
C ASP A 75 12.62 -13.24 -7.25
N HIS A 76 13.08 -12.08 -6.76
CA HIS A 76 14.42 -11.58 -7.12
C HIS A 76 14.58 -11.43 -8.65
N MET A 77 13.45 -11.17 -9.31
CA MET A 77 13.42 -10.96 -10.78
C MET A 77 13.80 -12.20 -11.59
N ILE A 78 13.73 -13.37 -10.99
CA ILE A 78 14.07 -14.59 -11.73
C ILE A 78 13.07 -14.84 -12.88
N HIS A 79 11.85 -14.31 -12.78
CA HIS A 79 10.89 -14.45 -13.89
C HIS A 79 11.48 -13.90 -15.19
N ASN A 80 12.44 -12.99 -15.09
CA ASN A 80 13.11 -12.46 -16.28
C ASN A 80 14.34 -13.25 -16.69
N CYS A 81 14.65 -14.32 -15.96
CA CYS A 81 15.84 -15.14 -16.20
C CYS A 81 15.45 -16.40 -16.95
N VAL A 82 14.16 -16.66 -17.05
CA VAL A 82 13.66 -17.92 -17.61
C VAL A 82 12.53 -17.67 -18.61
N GLU A 83 12.22 -18.69 -19.40
CA GLU A 83 11.17 -18.59 -20.43
C GLU A 83 9.78 -18.52 -19.81
N GLU A 84 9.53 -19.37 -18.82
CA GLU A 84 8.24 -19.38 -18.13
CA GLU A 84 8.24 -19.37 -18.13
C GLU A 84 8.47 -19.64 -16.65
N PHE A 85 8.01 -18.71 -15.81
CA PHE A 85 8.27 -18.79 -14.38
C PHE A 85 7.47 -19.90 -13.71
N GLY A 86 8.15 -20.71 -12.91
CA GLY A 86 7.50 -21.80 -12.19
C GLY A 86 8.34 -22.25 -11.01
N PRO A 87 7.92 -23.35 -10.37
CA PRO A 87 8.60 -23.87 -9.19
C PRO A 87 10.07 -24.25 -9.41
N THR A 88 10.49 -24.44 -10.66
CA THR A 88 11.86 -24.88 -10.95
C THR A 88 12.74 -23.75 -11.46
N SER A 89 12.17 -22.55 -11.60
CA SER A 89 12.85 -21.43 -12.23
C SER A 89 14.09 -20.94 -11.48
N GLY A 90 14.06 -20.95 -10.15
CA GLY A 90 15.25 -20.58 -9.40
C GLY A 90 16.39 -21.54 -9.70
N ALA A 91 16.07 -22.83 -9.73
CA ALA A 91 17.06 -23.86 -10.04
C ALA A 91 17.57 -23.70 -11.48
N ASP A 92 16.66 -23.46 -12.43
CA ASP A 92 17.06 -23.28 -13.84
C ASP A 92 18.03 -22.10 -14.01
N CYS A 93 17.72 -20.99 -13.35
CA CYS A 93 18.51 -19.77 -13.47
C CYS A 93 19.87 -19.94 -12.78
N ASN A 94 19.91 -20.69 -11.69
CA ASN A 94 21.19 -21.01 -11.04
C ASN A 94 22.04 -21.90 -11.93
N ALA A 95 21.39 -22.80 -12.67
CA ALA A 95 22.06 -23.70 -13.59
C ALA A 95 22.76 -22.90 -14.69
N THR A 96 22.08 -21.86 -15.20
CA THR A 96 22.70 -20.96 -16.19
C THR A 96 23.55 -19.79 -15.66
N GLY A 97 23.27 -19.30 -14.45
CA GLY A 97 23.96 -18.13 -13.94
C GLY A 97 23.60 -16.83 -14.66
N ASN A 98 22.42 -16.78 -15.26
CA ASN A 98 21.99 -15.60 -16.01
C ASN A 98 21.16 -14.59 -15.21
N HIS A 99 21.34 -14.58 -13.89
CA HIS A 99 20.62 -13.63 -13.02
C HIS A 99 20.73 -12.19 -13.50
N GLN A 100 21.93 -11.77 -13.85
CA GLN A 100 22.22 -10.37 -14.17
C GLN A 100 22.01 -10.03 -15.65
N ILE A 101 21.46 -10.96 -16.42
CA ILE A 101 21.20 -10.73 -17.84
C ILE A 101 19.70 -10.57 -18.09
N HIS A 102 19.31 -9.43 -18.67
CA HIS A 102 17.91 -9.15 -18.97
C HIS A 102 17.09 -9.15 -17.68
N SER A 103 17.72 -8.72 -16.59
CA SER A 103 17.13 -8.86 -15.25
C SER A 103 15.87 -8.03 -15.05
N TYR A 104 15.81 -6.90 -15.73
CA TYR A 104 14.62 -6.04 -15.76
C TYR A 104 14.18 -5.93 -17.21
N GLN A 105 12.89 -6.18 -17.47
CA GLN A 105 12.34 -6.06 -18.83
C GLN A 105 11.12 -5.13 -18.90
N ASP A 106 9.95 -5.65 -18.53
CA ASP A 106 8.73 -4.82 -18.44
C ASP A 106 8.69 -4.22 -17.03
N PRO A 107 9.00 -2.92 -16.88
CA PRO A 107 9.10 -2.36 -15.52
C PRO A 107 7.80 -2.36 -14.73
N VAL A 108 6.66 -2.34 -15.40
CA VAL A 108 5.38 -2.43 -14.69
C VAL A 108 5.20 -3.79 -14.01
N ARG A 109 5.46 -4.86 -14.76
CA ARG A 109 5.49 -6.22 -14.22
C ARG A 109 6.57 -6.35 -13.13
N ASP A 110 7.74 -5.78 -13.38
CA ASP A 110 8.83 -5.95 -12.43
C ASP A 110 8.50 -5.23 -11.12
N ALA A 111 7.85 -4.08 -11.17
CA ALA A 111 7.52 -3.35 -9.96
C ALA A 111 6.42 -4.07 -9.22
N ALA A 112 5.51 -4.68 -9.99
CA ALA A 112 4.42 -5.44 -9.42
C ALA A 112 4.94 -6.60 -8.55
N SER A 113 6.15 -7.07 -8.84
CA SER A 113 6.76 -8.14 -8.04
C SER A 113 6.96 -7.68 -6.58
N PHE A 114 7.15 -6.39 -6.39
CA PHE A 114 7.30 -5.86 -5.04
C PHE A 114 5.96 -5.89 -4.30
N GLU A 115 4.85 -5.66 -5.01
CA GLU A 115 3.53 -5.74 -4.40
C GLU A 115 3.14 -7.20 -4.13
N GLN A 116 3.55 -8.09 -5.03
CA GLN A 116 3.27 -9.51 -4.84
C GLN A 116 4.01 -10.00 -3.62
N ASN A 117 5.19 -9.42 -3.37
CA ASN A 117 5.94 -9.76 -2.17
C ASN A 117 5.10 -9.48 -0.92
N LEU A 118 4.41 -8.35 -0.90
CA LEU A 118 3.54 -8.01 0.24
C LEU A 118 2.44 -9.04 0.39
N ILE A 119 1.82 -9.41 -0.73
CA ILE A 119 0.79 -10.45 -0.69
C ILE A 119 1.27 -11.76 -0.05
N THR A 120 2.41 -12.25 -0.49
CA THR A 120 2.92 -13.52 0.01
C THR A 120 3.35 -13.46 1.48
N LEU A 121 4.01 -12.37 1.88
CA LEU A 121 4.39 -12.21 3.27
C LEU A 121 3.14 -12.21 4.16
N GLU A 122 2.11 -11.51 3.72
CA GLU A 122 0.89 -11.37 4.50
C GLU A 122 0.02 -12.63 4.42
N LYS A 123 0.31 -13.50 3.45
CA LYS A 123 -0.29 -14.83 3.40
C LYS A 123 0.30 -15.80 4.42
N TYR A 124 1.63 -15.91 4.45
CA TYR A 124 2.32 -16.82 5.36
C TYR A 124 2.35 -16.32 6.79
N LEU A 125 2.30 -15.00 6.97
CA LEU A 125 2.28 -14.45 8.32
C LEU A 125 1.18 -13.40 8.38
N PRO A 126 -0.08 -13.87 8.50
CA PRO A 126 -1.22 -12.95 8.46
C PRO A 126 -1.15 -11.82 9.48
N THR A 127 -0.37 -11.98 10.55
CA THR A 127 -0.26 -10.96 11.58
C THR A 127 0.85 -9.94 11.32
N ILE A 128 1.48 -10.01 10.14
CA ILE A 128 2.71 -9.26 9.95
C ILE A 128 2.54 -7.73 10.10
N ARG A 129 1.41 -7.18 9.72
CA ARG A 129 1.22 -5.72 9.85
C ARG A 129 1.13 -5.22 11.30
N SER A 130 1.00 -6.14 12.23
CA SER A 130 0.92 -5.79 13.65
C SER A 130 2.31 -5.53 14.23
N TYR A 131 3.36 -5.76 13.43
CA TYR A 131 4.73 -5.49 13.84
C TYR A 131 5.14 -4.11 13.35
N PRO A 132 5.53 -3.20 14.26
CA PRO A 132 5.97 -1.89 13.74
C PRO A 132 7.24 -2.00 12.91
N ASN A 133 8.03 -3.04 13.16
CA ASN A 133 9.27 -3.23 12.40
C ASN A 133 9.07 -3.90 11.04
N TYR A 134 7.84 -4.22 10.68
CA TYR A 134 7.53 -4.64 9.32
C TYR A 134 7.44 -3.39 8.45
N LYS A 135 8.42 -3.22 7.57
CA LYS A 135 8.43 -2.05 6.69
C LYS A 135 8.40 -2.45 5.22
N GLY A 136 7.78 -3.60 4.93
CA GLY A 136 7.74 -4.14 3.59
C GLY A 136 7.12 -3.20 2.56
N TYR A 137 6.23 -2.31 3.00
CA TYR A 137 5.50 -1.39 2.12
C TYR A 137 6.12 0.01 2.13
N GLU A 138 7.24 0.18 2.83
CA GLU A 138 7.89 1.48 2.95
C GLU A 138 9.33 1.51 2.46
N LEU A 139 10.02 0.39 2.63
CA LEU A 139 11.46 0.32 2.35
C LEU A 139 11.74 -0.79 1.36
N ALA A 140 12.45 -0.47 0.28
CA ALA A 140 12.78 -1.49 -0.71
C ALA A 140 14.23 -1.40 -1.18
N ARG A 141 14.68 -2.44 -1.87
CA ARG A 141 15.98 -2.44 -2.52
C ARG A 141 15.87 -3.32 -3.73
N LEU A 142 16.33 -2.81 -4.87
CA LEU A 142 16.22 -3.55 -6.13
C LEU A 142 17.26 -4.67 -6.26
N PRO A 143 16.82 -5.85 -6.68
CA PRO A 143 17.80 -6.89 -6.98
C PRO A 143 18.92 -6.40 -7.91
N TYR A 144 20.17 -6.73 -7.57
CA TYR A 144 21.35 -6.51 -8.41
C TYR A 144 21.81 -5.06 -8.46
N THR A 145 21.05 -4.16 -7.88
CA THR A 145 21.17 -2.77 -8.27
C THR A 145 21.42 -1.80 -7.13
N ASN A 146 22.54 -1.08 -7.22
CA ASN A 146 22.89 -0.09 -6.21
C ASN A 146 22.23 1.22 -6.57
N GLY A 147 20.92 1.25 -6.35
CA GLY A 147 20.07 2.36 -6.72
C GLY A 147 19.38 2.95 -5.50
N TRP A 148 19.09 4.25 -5.56
CA TRP A 148 18.72 5.03 -4.39
C TRP A 148 17.57 5.98 -4.71
N ARG A 149 16.51 5.92 -3.91
CA ARG A 149 15.44 6.93 -3.94
C ARG A 149 15.19 7.29 -2.50
N VAL A 150 15.91 8.28 -1.97
CA VAL A 150 15.84 8.61 -0.56
C VAL A 150 15.06 9.91 -0.35
N THR A 151 15.46 10.97 -1.04
CA THR A 151 14.71 12.22 -1.01
C THR A 151 14.68 12.81 -2.41
N LYS A 152 13.90 13.88 -2.56
CA LYS A 152 13.79 14.56 -3.84
C LYS A 152 15.16 14.94 -4.40
N HIS A 153 16.12 15.25 -3.52
CA HIS A 153 17.48 15.58 -3.93
C HIS A 153 18.58 14.54 -3.58
N PHE A 154 18.17 13.31 -3.29
CA PHE A 154 19.09 12.21 -2.98
C PHE A 154 18.56 10.97 -3.70
N GLN A 155 18.95 10.85 -4.96
CA GLN A 155 18.55 9.74 -5.80
C GLN A 155 19.64 9.51 -6.83
N ALA A 156 19.85 8.25 -7.16
CA ALA A 156 20.84 7.92 -8.19
C ALA A 156 20.68 6.46 -8.58
N ASP A 157 21.16 6.10 -9.76
CA ASP A 157 20.92 4.75 -10.26
C ASP A 157 22.18 3.92 -10.45
N GLY A 158 22.02 2.60 -10.49
CA GLY A 158 23.12 1.68 -10.78
C GLY A 158 23.21 1.50 -12.28
N LEU A 159 24.06 2.30 -12.91
CA LEU A 159 24.02 2.44 -14.38
C LEU A 159 24.57 1.26 -15.19
N CYS A 160 25.29 0.36 -14.54
CA CYS A 160 25.79 -0.84 -15.20
C CYS A 160 25.44 -2.09 -14.37
N ALA A 161 24.38 -1.99 -13.58
CA ALA A 161 24.05 -3.07 -12.64
C ALA A 161 23.67 -4.36 -13.35
N THR A 162 22.94 -4.24 -14.45
CA THR A 162 22.53 -5.43 -15.19
C THR A 162 22.76 -5.25 -16.69
N SER A 163 22.73 -6.36 -17.41
CA SER A 163 23.22 -6.42 -18.79
C SER A 163 22.20 -7.01 -19.75
N ASP A 164 22.35 -6.69 -21.03
CA ASP A 164 21.45 -7.22 -22.06
C ASP A 164 21.97 -8.51 -22.69
N ASN A 165 23.24 -8.85 -22.42
CA ASN A 165 23.81 -10.05 -23.04
C ASN A 165 24.98 -10.66 -22.26
N LEU A 166 26.02 -9.85 -22.04
CA LEU A 166 27.26 -10.37 -21.47
C LEU A 166 27.39 -10.04 -19.99
N LYS A 167 27.87 -11.00 -19.23
CA LYS A 167 28.16 -10.79 -17.82
C LYS A 167 29.43 -9.93 -17.73
N PRO A 168 29.57 -9.15 -16.64
CA PRO A 168 30.71 -8.24 -16.47
C PRO A 168 32.08 -8.93 -16.50
N TRP A 169 32.13 -10.21 -16.12
CA TRP A 169 33.39 -10.96 -16.09
C TRP A 169 33.64 -11.77 -17.36
N GLU A 170 32.78 -11.61 -18.37
CA GLU A 170 32.90 -12.40 -19.60
C GLU A 170 33.60 -11.59 -20.69
N PRO A 171 34.34 -12.29 -21.57
CA PRO A 171 35.01 -11.63 -22.69
C PRO A 171 34.04 -10.82 -23.55
N GLY A 172 34.37 -9.56 -23.81
CA GLY A 172 33.55 -8.72 -24.66
C GLY A 172 32.69 -7.72 -23.91
N TYR A 173 32.57 -7.90 -22.59
CA TYR A 173 31.68 -7.04 -21.80
C TYR A 173 32.08 -5.57 -21.86
N VAL A 174 31.14 -4.71 -22.28
CA VAL A 174 31.30 -3.27 -22.20
C VAL A 174 30.19 -2.66 -21.35
N CYS A 175 30.53 -1.64 -20.56
CA CYS A 175 29.55 -0.86 -19.80
C CYS A 175 29.72 0.63 -20.10
N ASP A 176 28.64 1.26 -20.54
CA ASP A 176 28.64 2.69 -20.83
C ASP A 176 27.52 3.36 -20.05
N PRO A 177 27.87 4.10 -18.98
CA PRO A 177 26.88 4.76 -18.11
C PRO A 177 26.04 5.80 -18.85
N ALA A 178 26.60 6.40 -19.90
CA ALA A 178 25.91 7.44 -20.67
C ALA A 178 24.88 6.85 -21.63
N ASN A 179 24.98 5.54 -21.88
CA ASN A 179 24.04 4.84 -22.75
C ASN A 179 23.80 3.46 -22.17
N PRO A 180 23.05 3.40 -21.06
CA PRO A 180 22.91 2.16 -20.29
C PRO A 180 22.13 1.09 -21.04
N SER A 181 22.28 -0.15 -20.58
CA SER A 181 21.55 -1.27 -21.15
C SER A 181 20.03 -1.07 -21.03
N ASN A 182 19.26 -1.81 -21.82
CA ASN A 182 17.81 -1.80 -21.71
C ASN A 182 17.38 -2.28 -20.33
N SER A 183 18.09 -3.25 -19.77
CA SER A 183 17.79 -3.76 -18.43
C SER A 183 17.91 -2.65 -17.39
N VAL A 184 18.97 -1.86 -17.51
CA VAL A 184 19.19 -0.76 -16.58
C VAL A 184 18.09 0.29 -16.70
N LYS A 185 17.73 0.66 -17.93
CA LYS A 185 16.68 1.65 -18.11
C LYS A 185 15.38 1.19 -17.48
N ALA A 186 15.07 -0.09 -17.67
CA ALA A 186 13.87 -0.68 -17.09
C ALA A 186 13.94 -0.59 -15.56
N SER A 187 15.11 -0.85 -14.99
CA SER A 187 15.29 -0.79 -13.54
C SER A 187 15.11 0.65 -13.03
N ILE A 188 15.52 1.63 -13.83
CA ILE A 188 15.34 3.03 -13.42
C ILE A 188 13.84 3.35 -13.34
N GLN A 189 13.10 2.82 -14.31
CA GLN A 189 11.65 2.96 -14.28
C GLN A 189 11.00 2.26 -13.08
N VAL A 190 11.51 1.09 -12.70
CA VAL A 190 11.01 0.40 -11.51
C VAL A 190 11.18 1.26 -10.26
N GLN A 191 12.37 1.83 -10.09
CA GLN A 191 12.63 2.74 -8.99
C GLN A 191 11.58 3.82 -8.94
N ASN A 192 11.33 4.47 -10.07
CA ASN A 192 10.34 5.55 -10.09
C ASN A 192 8.90 5.08 -9.78
N ILE A 193 8.53 3.90 -10.25
CA ILE A 193 7.21 3.35 -9.93
C ILE A 193 7.09 3.10 -8.42
N LEU A 194 8.15 2.60 -7.81
CA LEU A 194 8.10 2.27 -6.39
C LEU A 194 8.06 3.57 -5.58
N ALA A 195 8.83 4.57 -6.02
CA ALA A 195 8.84 5.83 -5.31
C ALA A 195 7.45 6.47 -5.34
N ASN A 196 6.76 6.38 -6.46
CA ASN A 196 5.39 6.90 -6.55
C ASN A 196 4.37 6.11 -5.72
N GLN A 197 4.76 4.91 -5.28
CA GLN A 197 3.96 4.16 -4.31
C GLN A 197 4.37 4.44 -2.85
N GLY A 198 5.32 5.35 -2.63
CA GLY A 198 5.70 5.74 -1.29
C GLY A 198 6.95 5.06 -0.76
N TYR A 199 7.57 4.20 -1.57
CA TYR A 199 8.81 3.56 -1.16
C TYR A 199 9.99 4.52 -1.12
N GLN A 200 10.88 4.30 -0.16
CA GLN A 200 12.27 4.71 -0.33
C GLN A 200 13.04 3.49 -0.78
N THR A 201 14.05 3.67 -1.62
CA THR A 201 14.98 2.59 -1.89
C THR A 201 16.39 3.07 -1.53
N HIS A 202 17.21 2.13 -1.06
CA HIS A 202 18.57 2.43 -0.65
C HIS A 202 19.51 1.41 -1.24
N GLY A 203 20.67 1.86 -1.71
CA GLY A 203 21.72 0.97 -2.15
C GLY A 203 22.65 0.66 -0.99
N TRP A 204 23.95 0.63 -1.28
CA TRP A 204 24.94 0.33 -0.26
C TRP A 204 26.28 1.03 -0.48
N ASP A 205 27.06 1.13 0.59
CA ASP A 205 28.39 1.70 0.55
C ASP A 205 29.50 0.64 0.43
N VAL A 206 29.31 -0.46 1.14
CA VAL A 206 30.25 -1.56 1.12
C VAL A 206 29.48 -2.88 1.11
N ASP A 207 30.05 -3.87 0.43
CA ASP A 207 29.44 -5.18 0.24
C ASP A 207 30.35 -6.24 0.88
N TRP A 208 29.84 -6.93 1.90
CA TRP A 208 30.61 -7.94 2.61
C TRP A 208 30.40 -9.24 1.90
N ALA A 209 31.41 -9.65 1.15
CA ALA A 209 31.28 -10.73 0.20
C ALA A 209 32.61 -11.49 0.13
N PRO A 210 32.59 -12.65 -0.55
CA PRO A 210 33.81 -13.41 -0.82
C PRO A 210 34.89 -12.52 -1.45
N GLU A 211 36.10 -12.62 -0.92
CA GLU A 211 37.24 -11.94 -1.52
C GLU A 211 37.62 -12.64 -2.80
N ASN A 212 37.26 -13.92 -2.90
CA ASN A 212 37.63 -14.72 -4.07
C ASN A 212 36.54 -15.70 -4.43
N TRP A 213 35.84 -15.39 -5.51
CA TRP A 213 34.74 -16.24 -5.95
C TRP A 213 35.23 -17.45 -6.76
N GLY A 214 36.50 -17.46 -7.16
CA GLY A 214 37.03 -18.51 -8.02
C GLY A 214 37.65 -19.73 -7.31
N ILE A 215 37.85 -19.61 -6.02
CA ILE A 215 38.36 -20.74 -5.21
C ILE A 215 37.24 -21.71 -4.86
N PRO A 216 37.61 -22.95 -4.51
CA PRO A 216 36.53 -23.81 -4.00
C PRO A 216 35.98 -23.24 -2.68
N MET A 217 34.69 -23.46 -2.40
CA MET A 217 34.08 -23.01 -1.15
C MET A 217 34.24 -21.49 -0.96
N PRO A 218 33.78 -20.72 -1.95
CA PRO A 218 34.06 -19.28 -2.00
C PRO A 218 33.51 -18.48 -0.81
N ALA A 219 32.42 -18.92 -0.21
CA ALA A 219 31.91 -18.24 0.99
C ALA A 219 32.98 -18.15 2.08
N ASN A 220 33.90 -19.12 2.13
CA ASN A 220 34.92 -19.14 3.17
C ASN A 220 35.83 -17.91 3.12
N SER A 221 35.95 -17.30 1.93
CA SER A 221 36.84 -16.16 1.78
C SER A 221 36.16 -14.83 2.10
N LEU A 222 34.99 -14.88 2.73
CA LEU A 222 34.36 -13.65 3.20
C LEU A 222 35.42 -12.90 4.01
N THR A 223 35.54 -11.59 3.77
CA THR A 223 36.54 -10.74 4.41
C THR A 223 36.54 -10.91 5.92
N GLU A 224 37.73 -11.05 6.52
CA GLU A 224 37.82 -11.19 7.97
C GLU A 224 37.37 -9.90 8.65
N ALA A 225 37.02 -10.01 9.93
CA ALA A 225 36.40 -8.89 10.63
C ALA A 225 37.29 -7.65 10.65
N VAL A 226 38.57 -7.81 10.97
CA VAL A 226 39.46 -6.66 11.10
C VAL A 226 39.65 -5.90 9.77
N PRO A 227 40.05 -6.59 8.70
CA PRO A 227 40.14 -5.84 7.45
C PRO A 227 38.78 -5.34 6.96
N PHE A 228 37.68 -6.00 7.35
CA PHE A 228 36.40 -5.49 6.88
C PHE A 228 36.11 -4.18 7.57
N LEU A 229 36.51 -4.08 8.84
CA LEU A 229 36.30 -2.85 9.59
C LEU A 229 37.16 -1.77 8.92
N ALA A 230 38.33 -2.16 8.43
CA ALA A 230 39.15 -1.25 7.62
C ALA A 230 38.37 -0.70 6.42
N TYR A 231 37.68 -1.57 5.69
CA TYR A 231 36.82 -1.14 4.57
C TYR A 231 35.74 -0.13 4.99
N VAL A 232 35.09 -0.40 6.11
CA VAL A 232 34.09 0.52 6.65
C VAL A 232 34.68 1.90 6.97
N ASP A 233 35.83 1.92 7.63
CA ASP A 233 36.52 3.18 7.96
C ASP A 233 36.80 3.97 6.68
N LYS A 234 37.25 3.26 5.65
CA LYS A 234 37.57 3.89 4.37
C LYS A 234 36.33 4.45 3.67
N ALA A 235 35.18 3.78 3.84
CA ALA A 235 33.91 4.23 3.26
C ALA A 235 33.32 5.44 3.95
N LEU A 236 33.63 5.58 5.23
CA LEU A 236 33.05 6.63 6.05
C LEU A 236 33.37 8.02 5.49
N ASN A 237 32.34 8.72 5.04
CA ASN A 237 32.45 10.06 4.45
C ASN A 237 33.37 10.13 3.22
N SER A 238 33.27 9.14 2.32
CA SER A 238 34.19 9.01 1.19
CA SER A 238 34.19 9.04 1.19
C SER A 238 33.50 8.64 -0.13
N CYS A 239 32.18 8.70 -0.18
CA CYS A 239 31.40 8.44 -1.42
C CYS A 239 31.74 7.12 -2.10
N SER A 240 31.64 6.03 -1.34
N SER A 240 31.68 6.02 -1.36
CA SER A 240 32.07 4.70 -1.78
CA SER A 240 32.14 4.73 -1.85
C SER A 240 31.25 4.18 -2.95
C SER A 240 31.23 4.10 -2.92
N PRO A 241 29.97 4.54 -3.02
CA PRO A 241 29.18 3.98 -4.12
C PRO A 241 29.75 4.32 -5.51
N THR A 242 30.58 5.36 -5.61
CA THR A 242 31.19 5.70 -6.92
C THR A 242 32.50 4.96 -7.17
N THR A 243 33.18 4.52 -6.11
CA THR A 243 34.50 3.89 -6.25
C THR A 243 34.48 2.38 -6.05
N ILE A 244 33.40 1.86 -5.50
CA ILE A 244 33.28 0.43 -5.22
C ILE A 244 33.46 -0.43 -6.49
N GLU A 245 34.04 -1.62 -6.31
CA GLU A 245 34.13 -2.62 -7.39
C GLU A 245 33.35 -3.86 -6.94
N PRO A 246 32.79 -4.63 -7.89
CA PRO A 246 32.93 -4.49 -9.34
C PRO A 246 32.06 -3.39 -9.95
N ILE A 247 32.17 -3.26 -11.27
CA ILE A 247 31.53 -2.15 -11.98
C ILE A 247 30.00 -2.16 -11.81
N ASN A 248 29.42 -3.35 -11.76
CA ASN A 248 27.98 -3.50 -11.69
C ASN A 248 27.41 -3.16 -10.31
N SER A 249 28.30 -2.86 -9.36
CA SER A 249 27.87 -2.41 -8.03
C SER A 249 27.96 -0.90 -7.86
N LYS A 250 28.42 -0.20 -8.90
CA LYS A 250 28.61 1.25 -8.80
C LYS A 250 27.31 2.05 -8.86
N THR A 251 27.33 3.23 -8.23
CA THR A 251 26.29 4.24 -8.39
C THR A 251 26.99 5.47 -8.95
N GLN A 252 27.14 5.52 -10.27
CA GLN A 252 28.07 6.45 -10.90
C GLN A 252 27.79 7.91 -10.55
N GLU A 253 26.51 8.28 -10.51
CA GLU A 253 26.13 9.67 -10.21
C GLU A 253 25.67 9.86 -8.77
N PHE A 254 26.14 9.04 -7.85
CA PHE A 254 25.83 9.27 -6.43
C PHE A 254 26.15 10.72 -6.03
N PRO A 255 25.22 11.40 -5.35
CA PRO A 255 25.46 12.78 -4.93
C PRO A 255 26.43 12.86 -3.75
N CYS A 256 27.72 12.73 -4.05
CA CYS A 256 28.74 12.81 -3.02
C CYS A 256 28.53 14.06 -2.15
N GLY A 257 28.64 13.88 -0.84
CA GLY A 257 28.45 14.99 0.09
C GLY A 257 27.00 15.30 0.46
N THR A 258 26.03 14.58 -0.11
CA THR A 258 24.63 14.77 0.28
C THR A 258 24.51 14.59 1.80
N PRO A 259 23.79 15.52 2.48
CA PRO A 259 23.78 15.60 3.94
C PRO A 259 23.31 14.34 4.69
N LEU A 260 22.33 13.62 4.17
CA LEU A 260 21.82 12.43 4.86
C LEU A 260 22.82 11.29 4.84
N HIS A 261 23.77 11.35 3.91
CA HIS A 261 24.75 10.26 3.77
C HIS A 261 25.94 10.40 4.69
N ALA A 262 26.09 11.57 5.31
CA ALA A 262 27.25 11.85 6.16
C ALA A 262 27.31 11.01 7.44
N ASP A 263 28.51 10.50 7.73
CA ASP A 263 28.78 9.77 8.98
C ASP A 263 28.03 8.43 9.06
N LYS A 264 27.73 7.86 7.90
CA LYS A 264 26.96 6.63 7.81
C LYS A 264 27.54 5.68 6.78
N VAL A 265 27.56 4.39 7.10
CA VAL A 265 27.97 3.39 6.15
C VAL A 265 26.91 2.29 6.12
N ILE A 266 26.37 2.05 4.94
CA ILE A 266 25.45 0.94 4.73
C ILE A 266 26.23 -0.27 4.22
N VAL A 267 26.15 -1.37 4.96
CA VAL A 267 26.78 -2.61 4.57
C VAL A 267 25.76 -3.55 3.94
N LEU A 268 26.07 -4.05 2.76
CA LEU A 268 25.27 -5.09 2.13
C LEU A 268 25.92 -6.43 2.39
N THR A 269 25.13 -7.42 2.77
CA THR A 269 25.61 -8.79 2.72
C THR A 269 24.44 -9.73 2.47
N HIS A 270 24.68 -11.03 2.44
CA HIS A 270 23.64 -12.00 2.08
C HIS A 270 23.55 -13.12 3.11
N ASP A 271 22.35 -13.39 3.62
CA ASP A 271 22.14 -14.44 4.62
C ASP A 271 22.87 -15.71 4.19
N PHE A 272 22.79 -16.04 2.90
CA PHE A 272 23.26 -17.36 2.44
C PHE A 272 24.78 -17.54 2.54
N LEU A 273 25.50 -16.46 2.80
CA LEU A 273 26.95 -16.55 2.97
C LEU A 273 27.32 -17.08 4.35
N PHE A 274 26.30 -17.28 5.20
CA PHE A 274 26.53 -17.65 6.60
C PHE A 274 26.01 -19.03 6.96
N GLU A 275 25.79 -19.87 5.96
CA GLU A 275 25.46 -21.27 6.21
C GLU A 275 26.56 -22.21 5.71
N ASP A 276 26.61 -23.38 6.31
CA ASP A 276 27.44 -24.47 5.79
C ASP A 276 26.61 -25.21 4.73
N GLY A 277 27.05 -25.13 3.49
CA GLY A 277 26.26 -25.65 2.38
C GLY A 277 27.01 -25.54 1.06
N LYS A 278 26.25 -25.35 -0.02
CA LYS A 278 26.82 -25.43 -1.37
C LYS A 278 27.87 -24.36 -1.68
N ARG A 279 27.86 -23.24 -0.96
CA ARG A 279 28.83 -22.19 -1.25
C ARG A 279 30.07 -22.26 -0.35
N GLY A 280 30.06 -23.22 0.57
CA GLY A 280 31.15 -23.40 1.50
C GLY A 280 30.69 -23.51 2.94
N MET A 281 31.64 -23.43 3.87
CA MET A 281 31.35 -23.54 5.28
CA MET A 281 31.32 -23.55 5.28
C MET A 281 31.07 -22.18 5.89
N GLY A 282 30.02 -21.53 5.42
CA GLY A 282 29.68 -20.18 5.82
C GLY A 282 29.29 -19.99 7.26
N ALA A 283 28.63 -20.98 7.86
CA ALA A 283 28.28 -20.84 9.27
C ALA A 283 29.53 -20.93 10.17
N THR A 284 30.31 -21.99 9.97
CA THR A 284 31.51 -22.24 10.77
C THR A 284 32.52 -21.13 10.66
N GLN A 285 32.75 -20.63 9.43
CA GLN A 285 33.79 -19.65 9.18
C GLN A 285 33.31 -18.20 9.30
N ASN A 286 32.05 -17.94 8.94
CA ASN A 286 31.60 -16.55 8.86
C ASN A 286 30.74 -16.04 10.01
N LEU A 287 30.03 -16.90 10.75
CA LEU A 287 29.27 -16.37 11.88
C LEU A 287 30.22 -15.70 12.91
N PRO A 288 31.41 -16.29 13.14
CA PRO A 288 32.31 -15.59 14.06
C PRO A 288 32.88 -14.30 13.48
N LYS A 289 33.00 -14.19 12.16
CA LYS A 289 33.39 -12.90 11.58
C LYS A 289 32.34 -11.81 11.88
N LEU A 290 31.07 -12.16 11.69
CA LEU A 290 30.00 -11.22 12.02
C LEU A 290 30.02 -10.83 13.50
N ALA A 291 30.10 -11.83 14.39
CA ALA A 291 30.12 -11.53 15.81
C ALA A 291 31.32 -10.65 16.17
N GLU A 292 32.50 -10.97 15.66
CA GLU A 292 33.69 -10.19 16.03
C GLU A 292 33.59 -8.77 15.47
N PHE A 293 33.09 -8.64 14.25
CA PHE A 293 32.96 -7.32 13.60
C PHE A 293 32.12 -6.37 14.42
N ILE A 294 30.98 -6.86 14.90
CA ILE A 294 30.09 -6.06 15.71
C ILE A 294 30.84 -5.57 16.97
N ARG A 295 31.53 -6.50 17.65
CA ARG A 295 32.27 -6.15 18.87
CA ARG A 295 32.28 -6.19 18.85
C ARG A 295 33.35 -5.11 18.60
N ILE A 296 34.17 -5.30 17.57
CA ILE A 296 35.27 -4.35 17.31
C ILE A 296 34.78 -3.03 16.74
N ALA A 297 33.66 -3.04 16.01
CA ALA A 297 33.13 -1.80 15.50
C ALA A 297 32.60 -0.96 16.67
N LYS A 298 31.92 -1.58 17.62
CA LYS A 298 31.49 -0.83 18.79
C LYS A 298 32.70 -0.28 19.56
N GLU A 299 33.78 -1.07 19.62
CA GLU A 299 34.99 -0.66 20.33
C GLU A 299 35.60 0.56 19.67
N ALA A 300 35.49 0.63 18.35
CA ALA A 300 36.11 1.71 17.60
C ALA A 300 35.27 2.98 17.66
N GLY A 301 34.04 2.86 18.15
CA GLY A 301 33.17 4.02 18.32
C GLY A 301 31.96 4.07 17.39
N TYR A 302 31.72 3.02 16.61
CA TYR A 302 30.53 2.97 15.76
C TYR A 302 29.31 2.53 16.55
N VAL A 303 28.13 2.99 16.11
CA VAL A 303 26.87 2.46 16.61
C VAL A 303 26.12 1.85 15.42
N PHE A 304 25.17 0.96 15.69
CA PHE A 304 24.46 0.28 14.61
C PHE A 304 23.00 0.72 14.60
N ASP A 305 22.47 0.95 13.41
CA ASP A 305 21.05 1.31 13.29
C ASP A 305 20.41 0.64 12.08
N THR A 306 19.10 0.84 11.95
CA THR A 306 18.31 0.24 10.89
C THR A 306 17.80 1.27 9.89
N MET A 307 17.34 0.79 8.73
CA MET A 307 17.12 1.67 7.58
C MET A 307 15.86 2.52 7.71
N ASP A 308 14.97 2.17 8.64
CA ASP A 308 13.84 3.05 8.93
C ASP A 308 14.29 4.34 9.63
N ASN A 309 15.52 4.34 10.12
CA ASN A 309 16.08 5.49 10.83
C ASN A 309 17.20 6.16 10.03
N TYR A 310 17.46 5.68 8.81
CA TYR A 310 18.53 6.28 8.00
C TYR A 310 18.21 7.74 7.69
N THR A 311 16.93 8.00 7.42
CA THR A 311 16.37 9.35 7.46
C THR A 311 15.84 9.48 8.87
N PRO A 312 16.39 10.42 9.64
CA PRO A 312 16.05 10.43 11.07
C PRO A 312 14.63 10.88 11.35
N ARG A 313 14.01 10.26 12.35
CA ARG A 313 12.64 10.58 12.71
C ARG A 313 12.54 12.00 13.23
N TRP A 314 11.43 12.65 12.89
CA TRP A 314 11.07 13.92 13.50
C TRP A 314 10.97 13.71 15.02
N SER A 315 11.58 14.61 15.81
CA SER A 315 11.59 14.49 17.27
CA SER A 315 11.57 14.49 17.26
C SER A 315 11.09 15.78 17.92
N VAL A 316 10.01 15.66 18.70
CA VAL A 316 9.48 16.80 19.43
C VAL A 316 10.56 17.40 20.32
N GLY A 317 10.63 18.72 20.33
CA GLY A 317 11.58 19.41 21.18
C GLY A 317 12.92 19.68 20.52
N LYS A 318 13.19 19.04 19.40
CA LYS A 318 14.46 19.20 18.73
C LYS A 318 14.44 20.48 17.88
N THR A 319 15.57 21.19 17.84
CA THR A 319 15.68 22.34 16.96
C THR A 319 16.13 21.85 15.59
N TYR A 320 15.59 22.46 14.55
CA TYR A 320 15.94 22.05 13.20
C TYR A 320 16.39 23.29 12.46
N GLN A 321 17.35 23.12 11.56
CA GLN A 321 17.74 24.21 10.65
C GLN A 321 17.01 24.11 9.33
N ALA A 322 16.70 25.24 8.72
CA ALA A 322 16.09 25.22 7.40
C ALA A 322 16.97 24.33 6.53
N GLY A 323 16.35 23.47 5.73
CA GLY A 323 17.08 22.58 4.87
C GLY A 323 17.33 21.18 5.42
N GLU A 324 17.11 20.94 6.70
CA GLU A 324 17.34 19.60 7.27
C GLU A 324 16.17 18.65 6.98
N TYR A 325 16.47 17.35 6.90
CA TYR A 325 15.47 16.35 6.50
C TYR A 325 15.03 15.49 7.68
N VAL A 326 13.75 15.16 7.75
CA VAL A 326 13.26 14.19 8.72
C VAL A 326 12.34 13.19 8.03
N LEU A 327 12.07 12.07 8.70
CA LEU A 327 11.04 11.13 8.25
C LEU A 327 9.92 11.21 9.26
N TYR A 328 8.70 11.42 8.79
CA TYR A 328 7.54 11.43 9.70
C TYR A 328 6.41 10.65 9.06
N GLN A 329 5.93 9.62 9.76
CA GLN A 329 4.85 8.76 9.27
C GLN A 329 5.13 8.26 7.85
N GLY A 330 6.40 7.91 7.59
CA GLY A 330 6.79 7.26 6.36
C GLY A 330 7.09 8.19 5.20
N VAL A 331 6.98 9.49 5.46
CA VAL A 331 7.14 10.50 4.41
C VAL A 331 8.33 11.40 4.75
N VAL A 332 9.13 11.74 3.76
CA VAL A 332 10.29 12.61 3.97
C VAL A 332 9.88 14.08 3.89
N TYR A 333 10.38 14.88 4.82
CA TYR A 333 10.13 16.29 4.83
C TYR A 333 11.44 17.09 4.99
N LYS A 334 11.47 18.29 4.44
CA LYS A 334 12.60 19.20 4.57
C LYS A 334 12.14 20.47 5.28
N ALA A 335 12.89 20.93 6.26
CA ALA A 335 12.47 22.09 7.02
C ALA A 335 12.55 23.35 6.15
N VAL A 336 11.48 24.13 6.18
CA VAL A 336 11.38 25.38 5.43
C VAL A 336 12.06 26.52 6.18
N ILE A 337 11.94 26.50 7.50
CA ILE A 337 12.57 27.50 8.34
C ILE A 337 13.11 26.84 9.60
N SER A 338 14.15 27.45 10.16
CA SER A 338 14.67 27.01 11.43
C SER A 338 13.63 27.30 12.52
N HIS A 339 13.51 26.38 13.45
CA HIS A 339 12.49 26.45 14.49
C HIS A 339 12.71 25.29 15.43
N THR A 340 11.92 25.28 16.50
CA THR A 340 11.97 24.18 17.47
C THR A 340 10.71 23.35 17.33
N ALA A 341 10.89 22.05 17.13
CA ALA A 341 9.74 21.17 16.92
C ALA A 341 8.90 21.06 18.19
N GLN A 342 7.58 21.10 18.01
CA GLN A 342 6.62 20.97 19.11
C GLN A 342 5.48 20.06 18.67
N GLN A 343 4.84 19.42 19.64
CA GLN A 343 3.82 18.40 19.42
C GLN A 343 2.83 18.67 18.29
N ASP A 344 2.16 19.81 18.35
CA ASP A 344 1.09 20.09 17.38
C ASP A 344 1.59 20.71 16.09
N TRP A 345 2.91 20.88 15.95
CA TRP A 345 3.49 21.50 14.76
C TRP A 345 4.34 20.47 14.01
N ALA A 346 3.72 19.35 13.68
CA ALA A 346 4.40 18.24 13.01
C ALA A 346 4.44 18.47 11.50
N PRO A 347 5.33 17.77 10.81
CA PRO A 347 5.33 17.92 9.34
C PRO A 347 4.06 17.32 8.74
N SER A 348 3.55 17.92 7.66
CA SER A 348 2.35 17.45 7.01
C SER A 348 2.21 18.13 5.67
N SER A 349 1.15 17.77 4.96
CA SER A 349 0.82 18.30 3.64
C SER A 349 0.33 19.76 3.69
N THR A 350 0.15 20.30 4.89
CA THR A 350 -0.30 21.68 5.05
C THR A 350 0.59 22.53 5.96
N SER A 351 1.65 21.94 6.49
CA SER A 351 2.58 22.64 7.37
C SER A 351 3.30 23.80 6.70
N SER A 352 3.40 24.93 7.41
CA SER A 352 4.22 26.04 6.92
C SER A 352 5.71 25.84 7.23
N LEU A 353 6.01 24.91 8.13
CA LEU A 353 7.38 24.72 8.61
C LEU A 353 8.19 23.67 7.83
N TRP A 354 7.50 22.83 7.06
CA TRP A 354 8.11 21.71 6.36
C TRP A 354 7.51 21.62 4.97
N THR A 355 8.27 21.10 4.01
CA THR A 355 7.69 20.67 2.74
C THR A 355 7.97 19.18 2.53
N ASN A 356 7.09 18.53 1.79
CA ASN A 356 7.27 17.14 1.40
C ASN A 356 8.44 17.00 0.45
N ALA A 357 9.39 16.13 0.79
CA ALA A 357 10.57 15.90 -0.05
C ALA A 357 10.74 14.40 -0.35
N ASP A 358 9.64 13.68 -0.50
CA ASP A 358 9.69 12.30 -1.00
C ASP A 358 10.35 12.30 -2.38
N PRO A 359 11.04 11.19 -2.73
CA PRO A 359 11.75 11.07 -4.00
C PRO A 359 10.82 10.62 -5.14
N ALA A 360 9.61 11.17 -5.17
CA ALA A 360 8.58 10.75 -6.12
C ALA A 360 8.47 11.75 -7.27
N THR A 361 7.69 11.39 -8.29
CA THR A 361 7.54 12.23 -9.47
C THR A 361 6.10 12.61 -9.74
N ASN A 362 5.15 11.95 -9.08
CA ASN A 362 3.76 12.39 -9.20
C ASN A 362 3.58 13.69 -8.44
N TRP A 363 2.80 14.60 -9.01
CA TRP A 363 2.51 15.86 -8.35
C TRP A 363 1.87 15.56 -7.01
N THR A 364 2.35 16.25 -5.98
CA THR A 364 1.99 16.01 -4.59
C THR A 364 1.88 17.37 -3.91
N LEU A 365 1.03 17.47 -2.88
CA LEU A 365 0.88 18.68 -2.10
C LEU A 365 2.09 19.04 -1.24
N ASN A 366 2.32 20.34 -1.12
CA ASN A 366 3.31 20.91 -0.23
C ASN A 366 4.71 20.46 -0.56
N VAL A 367 5.00 20.37 -1.86
CA VAL A 367 6.33 20.10 -2.33
C VAL A 367 6.96 21.38 -2.89
N SER A 368 8.24 21.57 -2.57
CA SER A 368 8.99 22.71 -3.05
C SER A 368 9.55 22.37 -4.42
N TYR A 369 8.79 22.68 -5.45
CA TYR A 369 9.18 22.35 -6.81
C TYR A 369 10.20 23.35 -7.35
N GLU A 370 11.14 22.82 -8.10
CA GLU A 370 12.22 23.59 -8.68
C GLU A 370 12.04 23.67 -10.20
N GLN A 371 12.46 24.79 -10.75
CA GLN A 371 12.48 24.97 -12.17
C GLN A 371 13.13 23.79 -12.88
N GLY A 372 12.44 23.22 -13.86
CA GLY A 372 12.96 22.08 -14.59
C GLY A 372 12.50 20.71 -14.08
N ASP A 373 11.91 20.65 -12.90
CA ASP A 373 11.30 19.41 -12.40
C ASP A 373 10.19 18.98 -13.38
N ILE A 374 10.04 17.68 -13.56
CA ILE A 374 8.95 17.16 -14.38
C ILE A 374 8.06 16.32 -13.47
N VAL A 375 6.77 16.66 -13.40
CA VAL A 375 5.81 15.93 -12.55
C VAL A 375 4.74 15.23 -13.39
N ASN A 376 4.12 14.19 -12.83
CA ASN A 376 2.99 13.52 -13.48
C ASN A 376 1.70 13.93 -12.77
N TYR A 377 0.66 14.21 -13.56
CA TYR A 377 -0.62 14.60 -12.99
C TYR A 377 -1.73 14.21 -13.92
N LYS A 378 -2.63 13.37 -13.42
CA LYS A 378 -3.79 12.88 -14.15
C LYS A 378 -3.39 12.38 -15.52
N GLY A 379 -2.35 11.56 -15.55
CA GLY A 379 -1.91 10.87 -16.74
C GLY A 379 -1.05 11.67 -17.70
N LYS A 380 -0.73 12.91 -17.35
CA LYS A 380 0.09 13.75 -18.22
C LYS A 380 1.33 14.24 -17.51
N ARG A 381 2.32 14.65 -18.29
CA ARG A 381 3.60 15.16 -17.76
C ARG A 381 3.71 16.66 -17.92
N TYR A 382 4.24 17.32 -16.89
CA TYR A 382 4.34 18.77 -16.83
C TYR A 382 5.75 19.19 -16.40
N LEU A 383 6.30 20.15 -17.11
CA LEU A 383 7.52 20.84 -16.72
C LEU A 383 7.20 22.00 -15.78
N VAL A 384 7.93 22.07 -14.68
CA VAL A 384 7.83 23.22 -13.75
C VAL A 384 8.65 24.38 -14.32
N SER A 385 7.98 25.50 -14.61
CA SER A 385 8.64 26.65 -15.20
C SER A 385 9.15 27.65 -14.17
N VAL A 386 8.49 27.74 -13.02
CA VAL A 386 9.02 28.57 -11.94
C VAL A 386 8.92 27.88 -10.59
N PRO A 387 9.94 28.04 -9.76
CA PRO A 387 9.92 27.40 -8.44
C PRO A 387 8.74 27.88 -7.61
N HIS A 388 8.16 26.96 -6.84
CA HIS A 388 7.06 27.31 -5.95
C HIS A 388 6.77 26.11 -5.07
N VAL A 389 5.99 26.33 -4.02
CA VAL A 389 5.50 25.24 -3.18
C VAL A 389 4.07 24.90 -3.60
N SER A 390 3.82 23.64 -3.91
CA SER A 390 2.53 23.19 -4.40
C SER A 390 1.45 23.32 -3.33
N GLN A 391 0.24 23.63 -3.77
CA GLN A 391 -0.92 23.67 -2.89
C GLN A 391 -2.12 23.24 -3.69
N GLN A 392 -3.22 22.94 -2.99
CA GLN A 392 -4.35 22.30 -3.64
C GLN A 392 -4.89 23.10 -4.81
N ASP A 393 -4.84 24.43 -4.74
CA ASP A 393 -5.41 25.27 -5.80
C ASP A 393 -4.49 25.36 -7.02
N TRP A 394 -3.24 24.94 -6.86
CA TRP A 394 -2.25 25.13 -7.91
C TRP A 394 -1.95 23.84 -8.68
N THR A 395 -3.00 23.13 -9.10
CA THR A 395 -2.81 21.88 -9.82
C THR A 395 -2.24 22.15 -11.22
N PRO A 396 -1.38 21.25 -11.72
CA PRO A 396 -0.76 21.53 -13.02
C PRO A 396 -1.71 21.77 -14.20
N ASP A 397 -2.88 21.13 -14.21
CA ASP A 397 -3.82 21.29 -15.32
C ASP A 397 -4.52 22.65 -15.30
N THR A 398 -4.37 23.40 -14.21
CA THR A 398 -5.00 24.71 -14.09
C THR A 398 -4.01 25.86 -13.90
N GLN A 399 -2.71 25.58 -13.78
CA GLN A 399 -1.73 26.64 -13.54
C GLN A 399 -0.65 26.77 -14.61
N ASN A 400 -0.98 27.42 -15.72
CA ASN A 400 -0.06 27.44 -16.84
C ASN A 400 1.09 28.43 -16.65
N THR A 401 1.04 29.23 -15.60
CA THR A 401 2.20 30.06 -15.26
C THR A 401 3.22 29.32 -14.39
N LEU A 402 2.87 28.11 -13.95
CA LEU A 402 3.75 27.34 -13.09
C LEU A 402 4.20 26.04 -13.78
N PHE A 403 3.30 25.49 -14.58
CA PHE A 403 3.53 24.24 -15.30
C PHE A 403 3.21 24.35 -16.79
N THR A 404 3.96 23.61 -17.59
CA THR A 404 3.73 23.49 -19.01
C THR A 404 3.62 22.03 -19.38
N ALA A 405 2.51 21.65 -19.96
CA ALA A 405 2.30 20.25 -20.35
C ALA A 405 3.29 19.84 -21.44
N LEU A 406 3.88 18.66 -21.29
CA LEU A 406 4.81 18.14 -22.27
C LEU A 406 4.08 17.25 -23.28
N GLU A 407 4.63 17.16 -24.49
CA GLU A 407 4.02 16.35 -25.54
C GLU A 407 4.26 14.87 -25.27
N LEU A 408 3.26 14.04 -25.60
CA LEU A 408 3.43 12.60 -25.55
C LEU A 408 4.10 12.12 -26.84
C SER B 3 -28.56 26.53 2.53
N THR B 4 -28.43 25.94 3.72
CA THR B 4 -27.90 24.59 3.87
C THR B 4 -28.70 23.60 3.02
N PRO B 5 -28.02 22.60 2.45
CA PRO B 5 -28.71 21.56 1.67
C PRO B 5 -29.62 20.64 2.49
N LYS B 6 -30.62 20.07 1.83
CA LYS B 6 -31.50 19.11 2.46
C LYS B 6 -30.70 17.92 2.99
N GLY B 7 -29.68 17.54 2.22
CA GLY B 7 -28.84 16.40 2.56
C GLY B 7 -27.82 16.17 1.48
N THR B 8 -26.96 15.17 1.67
CA THR B 8 -25.98 14.85 0.68
C THR B 8 -26.18 13.42 0.18
N ILE B 9 -26.23 13.28 -1.13
CA ILE B 9 -26.31 11.98 -1.78
C ILE B 9 -24.95 11.55 -2.32
N TYR B 10 -24.62 10.31 -2.04
CA TYR B 10 -23.43 9.71 -2.62
C TYR B 10 -23.82 8.63 -3.61
N LEU B 11 -23.66 8.91 -4.90
CA LEU B 11 -23.89 7.89 -5.92
C LEU B 11 -22.69 6.97 -5.99
N THR B 12 -22.94 5.69 -5.75
CA THR B 12 -21.88 4.69 -5.88
C THR B 12 -22.26 3.58 -6.86
N PHE B 13 -21.37 3.31 -7.81
CA PHE B 13 -21.60 2.33 -8.86
C PHE B 13 -20.64 1.15 -8.71
N ASP B 14 -21.19 -0.05 -8.65
CA ASP B 14 -20.38 -1.24 -8.45
C ASP B 14 -20.27 -2.13 -9.69
N ASP B 15 -19.13 -2.78 -9.80
CA ASP B 15 -18.89 -3.92 -10.69
C ASP B 15 -18.34 -3.54 -12.07
N GLY B 16 -18.06 -2.26 -12.30
CA GLY B 16 -17.34 -1.86 -13.50
C GLY B 16 -15.87 -2.19 -13.33
N PRO B 17 -15.04 -1.71 -14.25
CA PRO B 17 -15.41 -0.96 -15.45
C PRO B 17 -15.86 -1.86 -16.58
N VAL B 18 -16.99 -1.52 -17.20
CA VAL B 18 -17.48 -2.26 -18.37
C VAL B 18 -17.96 -1.28 -19.44
N ASN B 19 -18.41 -1.79 -20.58
CA ASN B 19 -18.78 -0.90 -21.68
C ASN B 19 -19.85 0.06 -21.26
N ALA B 20 -20.85 -0.44 -20.55
CA ALA B 20 -21.95 0.37 -20.07
C ALA B 20 -21.48 1.54 -19.21
N SER B 21 -20.28 1.43 -18.64
CA SER B 21 -19.78 2.48 -17.75
C SER B 21 -19.57 3.79 -18.49
N VAL B 22 -19.24 3.71 -19.77
CA VAL B 22 -18.91 4.91 -20.54
C VAL B 22 -20.07 5.93 -20.56
N GLU B 23 -21.28 5.50 -20.93
CA GLU B 23 -22.41 6.43 -21.01
C GLU B 23 -22.89 6.85 -19.62
N VAL B 24 -22.70 6.00 -18.62
CA VAL B 24 -23.03 6.38 -17.26
C VAL B 24 -22.20 7.61 -16.91
N ILE B 25 -20.91 7.54 -17.19
CA ILE B 25 -20.00 8.61 -16.79
C ILE B 25 -20.37 9.92 -17.50
N LYS B 26 -20.75 9.84 -18.77
CA LYS B 26 -21.13 11.03 -19.52
C LYS B 26 -22.41 11.66 -18.96
N VAL B 27 -23.34 10.84 -18.53
CA VAL B 27 -24.55 11.37 -17.91
C VAL B 27 -24.27 12.06 -16.57
N LEU B 28 -23.34 11.50 -15.79
CA LEU B 28 -22.91 12.17 -14.56
C LEU B 28 -22.26 13.51 -14.90
N ASN B 29 -21.43 13.53 -15.95
CA ASN B 29 -20.72 14.74 -16.30
C ASN B 29 -21.71 15.81 -16.76
N GLN B 30 -22.67 15.41 -17.58
CA GLN B 30 -23.69 16.32 -18.08
C GLN B 30 -24.54 16.84 -16.93
N GLY B 31 -24.76 15.99 -15.93
CA GLY B 31 -25.53 16.37 -14.77
C GLY B 31 -24.77 17.21 -13.76
N GLY B 32 -23.47 17.40 -13.99
CA GLY B 32 -22.66 18.21 -13.11
C GLY B 32 -22.45 17.57 -11.75
N VAL B 33 -22.27 16.24 -11.72
CA VAL B 33 -21.99 15.58 -10.44
C VAL B 33 -20.80 14.64 -10.53
N LYS B 34 -20.20 14.35 -9.38
CA LYS B 34 -19.19 13.31 -9.27
C LYS B 34 -19.76 12.11 -8.49
N ALA B 35 -19.28 10.92 -8.82
CA ALA B 35 -19.74 9.68 -8.20
C ALA B 35 -18.51 8.85 -7.84
N THR B 36 -18.75 7.76 -7.14
CA THR B 36 -17.70 6.86 -6.72
C THR B 36 -17.98 5.52 -7.38
N PHE B 37 -16.97 4.95 -8.03
CA PHE B 37 -17.08 3.66 -8.72
C PHE B 37 -16.23 2.64 -8.00
N TYR B 38 -16.82 1.54 -7.57
CA TYR B 38 -16.06 0.47 -6.96
C TYR B 38 -15.85 -0.60 -8.00
N PHE B 39 -14.62 -0.70 -8.49
CA PHE B 39 -14.28 -1.49 -9.67
C PHE B 39 -13.69 -2.86 -9.37
N ASN B 40 -13.96 -3.80 -10.29
CA ASN B 40 -13.35 -5.14 -10.32
C ASN B 40 -12.52 -5.24 -11.58
N ALA B 41 -11.20 -5.23 -11.41
CA ALA B 41 -10.28 -5.17 -12.55
C ALA B 41 -10.29 -6.41 -13.47
N TRP B 42 -10.92 -7.51 -13.07
CA TRP B 42 -10.93 -8.69 -13.95
C TRP B 42 -11.60 -8.35 -15.30
N HIS B 43 -12.45 -7.32 -15.31
CA HIS B 43 -13.06 -6.87 -16.57
C HIS B 43 -12.02 -6.35 -17.53
N LEU B 44 -10.93 -5.80 -17.01
CA LEU B 44 -9.83 -5.37 -17.85
C LEU B 44 -9.11 -6.57 -18.49
N ASP B 45 -9.19 -7.75 -17.86
CA ASP B 45 -8.58 -8.95 -18.42
C ASP B 45 -9.55 -9.67 -19.37
N GLY B 46 -10.77 -9.15 -19.47
CA GLY B 46 -11.75 -9.71 -20.39
C GLY B 46 -12.36 -11.03 -19.93
N ILE B 47 -12.38 -11.28 -18.63
CA ILE B 47 -12.85 -12.58 -18.12
C ILE B 47 -14.05 -12.46 -17.18
N GLY B 48 -14.65 -11.27 -17.13
CA GLY B 48 -15.76 -11.01 -16.22
C GLY B 48 -17.14 -11.29 -16.79
N ASP B 49 -17.21 -11.94 -17.95
CA ASP B 49 -18.49 -12.28 -18.58
C ASP B 49 -19.45 -11.08 -18.75
N GLU B 50 -18.92 -9.93 -19.13
CA GLU B 50 -19.76 -8.80 -19.51
C GLU B 50 -19.17 -8.25 -20.80
N ASN B 51 -19.89 -7.35 -21.45
CA ASN B 51 -19.31 -6.57 -22.54
C ASN B 51 -18.32 -5.58 -21.97
N GLU B 52 -17.04 -5.80 -22.23
CA GLU B 52 -16.00 -5.12 -21.49
C GLU B 52 -14.75 -4.82 -22.33
N ASP B 53 -14.89 -4.82 -23.65
CA ASP B 53 -13.77 -4.46 -24.50
C ASP B 53 -13.41 -2.98 -24.35
N ARG B 54 -14.34 -2.17 -23.87
CA ARG B 54 -14.03 -0.76 -23.61
C ARG B 54 -13.70 -0.53 -22.12
N ALA B 55 -13.39 -1.59 -21.40
CA ALA B 55 -13.20 -1.49 -19.95
C ALA B 55 -12.10 -0.49 -19.61
N LEU B 56 -10.96 -0.59 -20.28
CA LEU B 56 -9.86 0.36 -20.06
C LEU B 56 -10.27 1.78 -20.46
N GLU B 57 -10.98 1.93 -21.57
CA GLU B 57 -11.48 3.25 -21.96
C GLU B 57 -12.37 3.85 -20.87
N ALA B 58 -13.20 3.01 -20.24
CA ALA B 58 -14.10 3.45 -19.19
C ALA B 58 -13.35 3.90 -17.91
N LEU B 59 -12.35 3.14 -17.50
CA LEU B 59 -11.49 3.49 -16.38
C LEU B 59 -10.82 4.85 -16.60
N LYS B 60 -10.25 5.04 -17.79
CA LYS B 60 -9.65 6.31 -18.15
C LYS B 60 -10.66 7.44 -18.11
N LEU B 61 -11.87 7.22 -18.63
CA LEU B 61 -12.83 8.31 -18.68
C LEU B 61 -13.27 8.67 -17.28
N ALA B 62 -13.43 7.67 -16.42
CA ALA B 62 -13.92 7.93 -15.07
C ALA B 62 -12.91 8.82 -14.34
N LEU B 63 -11.63 8.47 -14.46
CA LEU B 63 -10.55 9.22 -13.80
C LEU B 63 -10.32 10.63 -14.37
N ASP B 64 -10.33 10.76 -15.69
CA ASP B 64 -10.16 12.04 -16.37
C ASP B 64 -11.33 12.96 -16.01
N SER B 65 -12.50 12.38 -15.78
CA SER B 65 -13.69 13.16 -15.47
C SER B 65 -13.75 13.58 -14.00
N GLY B 66 -12.84 13.07 -13.19
CA GLY B 66 -12.80 13.43 -11.78
C GLY B 66 -13.59 12.55 -10.81
N HIS B 67 -14.09 11.42 -11.29
CA HIS B 67 -14.82 10.52 -10.41
C HIS B 67 -13.84 9.75 -9.54
N ILE B 68 -14.29 9.33 -8.36
CA ILE B 68 -13.44 8.61 -7.44
C ILE B 68 -13.46 7.13 -7.76
N VAL B 69 -12.29 6.50 -7.83
CA VAL B 69 -12.21 5.05 -8.05
C VAL B 69 -11.78 4.35 -6.76
N GLY B 70 -12.65 3.44 -6.30
CA GLY B 70 -12.45 2.58 -5.15
C GLY B 70 -12.36 1.10 -5.53
N ASN B 71 -12.10 0.27 -4.52
CA ASN B 71 -11.66 -1.11 -4.71
C ASN B 71 -12.76 -2.09 -4.35
N HIS B 72 -13.23 -2.86 -5.33
CA HIS B 72 -14.31 -3.84 -5.11
C HIS B 72 -13.80 -5.29 -5.16
N SER B 73 -12.49 -5.46 -5.21
CA SER B 73 -11.78 -6.75 -5.33
C SER B 73 -11.57 -7.11 -6.80
N TYR B 74 -10.54 -7.91 -7.09
CA TYR B 74 -10.19 -8.24 -8.48
C TYR B 74 -11.30 -8.98 -9.22
N ASP B 75 -11.89 -10.00 -8.59
CA ASP B 75 -12.83 -10.89 -9.28
C ASP B 75 -14.19 -11.04 -8.61
N HIS B 76 -14.57 -10.09 -7.76
CA HIS B 76 -15.88 -10.15 -7.11
C HIS B 76 -16.05 -11.47 -6.36
N MET B 77 -14.94 -12.04 -5.91
CA MET B 77 -14.94 -13.32 -5.18
C MET B 77 -15.43 -14.53 -6.02
N ILE B 78 -15.38 -14.43 -7.34
CA ILE B 78 -15.84 -15.57 -8.15
C ILE B 78 -14.93 -16.77 -7.97
N HIS B 79 -13.71 -16.57 -7.49
CA HIS B 79 -12.86 -17.72 -7.16
C HIS B 79 -13.48 -18.64 -6.10
N ASN B 80 -14.43 -18.13 -5.33
CA ASN B 80 -15.07 -18.93 -4.28
C ASN B 80 -16.37 -19.58 -4.73
N CYS B 81 -16.73 -19.35 -5.99
CA CYS B 81 -17.97 -19.86 -6.57
C CYS B 81 -17.70 -21.07 -7.48
N VAL B 82 -16.43 -21.34 -7.77
CA VAL B 82 -16.04 -22.39 -8.69
C VAL B 82 -14.95 -23.23 -8.07
N GLU B 83 -14.69 -24.41 -8.64
CA GLU B 83 -13.68 -25.32 -8.10
C GLU B 83 -12.25 -24.81 -8.37
N GLU B 84 -12.04 -24.27 -9.56
CA GLU B 84 -10.74 -23.73 -9.95
C GLU B 84 -10.96 -22.45 -10.75
N PHE B 85 -10.28 -21.37 -10.38
CA PHE B 85 -10.51 -20.07 -11.01
C PHE B 85 -9.76 -19.93 -12.34
N GLY B 86 -10.47 -19.42 -13.33
CA GLY B 86 -9.90 -19.21 -14.66
C GLY B 86 -10.77 -18.35 -15.54
N PRO B 87 -10.41 -18.27 -16.82
CA PRO B 87 -11.09 -17.40 -17.80
C PRO B 87 -12.59 -17.64 -17.95
N THR B 88 -13.08 -18.81 -17.54
CA THR B 88 -14.50 -19.14 -17.71
C THR B 88 -15.28 -19.03 -16.41
N SER B 89 -14.58 -18.78 -15.31
CA SER B 89 -15.21 -18.83 -14.01
C SER B 89 -16.41 -17.87 -13.89
N GLY B 90 -16.28 -16.66 -14.43
CA GLY B 90 -17.39 -15.72 -14.45
C GLY B 90 -18.65 -16.28 -15.09
N ALA B 91 -18.48 -16.85 -16.28
CA ALA B 91 -19.59 -17.49 -16.99
C ALA B 91 -20.10 -18.70 -16.20
N ASP B 92 -19.16 -19.51 -15.70
CA ASP B 92 -19.50 -20.69 -14.92
C ASP B 92 -20.34 -20.35 -13.69
N CYS B 93 -20.06 -19.22 -13.05
CA CYS B 93 -20.76 -18.86 -11.82
C CYS B 93 -22.12 -18.27 -12.16
N ASN B 94 -22.19 -17.59 -13.30
CA ASN B 94 -23.48 -17.16 -13.81
C ASN B 94 -24.38 -18.34 -14.21
N ALA B 95 -23.77 -19.43 -14.64
CA ALA B 95 -24.53 -20.63 -15.01
C ALA B 95 -25.28 -21.19 -13.80
N THR B 96 -24.60 -21.23 -12.66
CA THR B 96 -25.18 -21.81 -11.45
C THR B 96 -25.92 -20.81 -10.56
N GLY B 97 -25.62 -19.52 -10.74
CA GLY B 97 -26.15 -18.49 -9.86
C GLY B 97 -25.72 -18.67 -8.40
N ASN B 98 -24.50 -19.15 -8.18
CA ASN B 98 -24.04 -19.42 -6.82
C ASN B 98 -23.16 -18.35 -6.20
N HIS B 99 -23.30 -17.11 -6.65
CA HIS B 99 -22.47 -16.01 -6.19
C HIS B 99 -22.49 -15.85 -4.67
N GLN B 100 -23.68 -15.94 -4.09
CA GLN B 100 -23.89 -15.64 -2.67
C GLN B 100 -23.76 -16.87 -1.77
N ILE B 101 -23.25 -17.97 -2.33
CA ILE B 101 -23.03 -19.20 -1.56
C ILE B 101 -21.54 -19.44 -1.41
N HIS B 102 -21.05 -19.59 -0.18
CA HIS B 102 -19.62 -19.81 0.03
C HIS B 102 -18.79 -18.66 -0.58
N SER B 103 -19.39 -17.47 -0.63
CA SER B 103 -18.74 -16.31 -1.25
C SER B 103 -17.40 -15.95 -0.61
N TYR B 104 -17.27 -16.14 0.70
CA TYR B 104 -16.02 -15.90 1.41
C TYR B 104 -15.62 -17.20 2.09
N GLN B 105 -14.36 -17.59 1.95
CA GLN B 105 -13.88 -18.84 2.57
C GLN B 105 -12.59 -18.62 3.36
N ASP B 106 -11.46 -18.51 2.67
CA ASP B 106 -10.18 -18.17 3.30
C ASP B 106 -10.02 -16.64 3.28
N PRO B 107 -10.21 -15.97 4.44
CA PRO B 107 -10.23 -14.51 4.43
C PRO B 107 -8.89 -13.91 4.04
N VAL B 108 -7.80 -14.61 4.29
CA VAL B 108 -6.48 -14.10 3.89
C VAL B 108 -6.40 -14.02 2.36
N ARG B 109 -6.76 -15.12 1.69
CA ARG B 109 -6.85 -15.13 0.23
C ARG B 109 -7.87 -14.12 -0.31
N ASP B 110 -9.01 -14.01 0.35
CA ASP B 110 -10.06 -13.12 -0.13
C ASP B 110 -9.64 -11.66 -0.02
N ALA B 111 -8.91 -11.32 1.04
CA ALA B 111 -8.49 -9.94 1.26
C ALA B 111 -7.40 -9.64 0.24
N ALA B 112 -6.59 -10.63 -0.05
CA ALA B 112 -5.55 -10.52 -1.09
C ALA B 112 -6.11 -10.12 -2.46
N SER B 113 -7.36 -10.43 -2.71
CA SER B 113 -7.99 -10.12 -3.99
C SER B 113 -8.10 -8.59 -4.16
N PHE B 114 -8.16 -7.86 -3.05
CA PHE B 114 -8.20 -6.40 -3.11
C PHE B 114 -6.82 -5.85 -3.51
N GLU B 115 -5.74 -6.49 -3.06
CA GLU B 115 -4.40 -6.06 -3.46
C GLU B 115 -4.08 -6.44 -4.92
N GLN B 116 -4.56 -7.61 -5.35
CA GLN B 116 -4.43 -8.00 -6.75
C GLN B 116 -5.17 -7.00 -7.64
N ASN B 117 -6.32 -6.52 -7.19
CA ASN B 117 -7.04 -5.47 -7.88
C ASN B 117 -6.15 -4.26 -8.15
N LEU B 118 -5.31 -3.89 -7.18
CA LEU B 118 -4.41 -2.75 -7.35
C LEU B 118 -3.36 -3.06 -8.40
N ILE B 119 -2.76 -4.24 -8.33
CA ILE B 119 -1.79 -4.65 -9.36
C ILE B 119 -2.35 -4.58 -10.79
N THR B 120 -3.55 -5.11 -10.98
CA THR B 120 -4.15 -5.14 -12.31
C THR B 120 -4.50 -3.74 -12.82
N LEU B 121 -5.10 -2.91 -11.97
CA LEU B 121 -5.41 -1.52 -12.34
C LEU B 121 -4.13 -0.77 -12.72
N GLU B 122 -3.05 -1.02 -11.98
CA GLU B 122 -1.82 -0.28 -12.24
C GLU B 122 -1.03 -0.90 -13.40
N LYS B 123 -1.41 -2.11 -13.80
CA LYS B 123 -0.89 -2.75 -15.02
C LYS B 123 -1.49 -2.13 -16.29
N TYR B 124 -2.81 -2.06 -16.34
CA TYR B 124 -3.49 -1.53 -17.53
C TYR B 124 -3.45 -0.01 -17.62
N LEU B 125 -3.40 0.68 -16.49
CA LEU B 125 -3.23 2.13 -16.50
C LEU B 125 -2.04 2.52 -15.60
N PRO B 126 -0.82 2.42 -16.14
CA PRO B 126 0.42 2.63 -15.36
C PRO B 126 0.55 4.02 -14.74
N THR B 127 -0.20 4.99 -15.26
CA THR B 127 -0.20 6.33 -14.72
C THR B 127 -1.26 6.54 -13.65
N ILE B 128 -1.97 5.49 -13.24
CA ILE B 128 -3.18 5.68 -12.42
C ILE B 128 -2.92 6.40 -11.09
N ARG B 129 -1.74 6.25 -10.51
CA ARG B 129 -1.45 6.89 -9.22
C ARG B 129 -1.16 8.38 -9.33
N SER B 130 -1.00 8.89 -10.55
CA SER B 130 -0.89 10.35 -10.75
C SER B 130 -2.25 11.05 -10.68
N TYR B 131 -3.34 10.29 -10.53
CA TYR B 131 -4.67 10.84 -10.32
C TYR B 131 -5.03 10.90 -8.84
N PRO B 132 -5.26 12.11 -8.30
CA PRO B 132 -5.64 12.17 -6.88
C PRO B 132 -6.99 11.50 -6.60
N ASN B 133 -7.83 11.37 -7.62
CA ASN B 133 -9.13 10.72 -7.48
C ASN B 133 -9.08 9.18 -7.60
N TYR B 134 -7.89 8.63 -7.83
CA TYR B 134 -7.66 7.20 -7.65
C TYR B 134 -7.53 6.91 -6.17
N LYS B 135 -8.52 6.22 -5.62
CA LYS B 135 -8.53 5.91 -4.20
C LYS B 135 -8.60 4.42 -3.97
N GLY B 136 -8.04 3.65 -4.90
CA GLY B 136 -8.16 2.20 -4.87
C GLY B 136 -7.50 1.56 -3.66
N TYR B 137 -6.51 2.26 -3.11
CA TYR B 137 -5.77 1.76 -1.95
C TYR B 137 -6.28 2.38 -0.64
N GLU B 138 -7.34 3.18 -0.72
CA GLU B 138 -7.95 3.81 0.46
C GLU B 138 -9.42 3.43 0.74
N LEU B 139 -10.20 3.17 -0.30
CA LEU B 139 -11.65 3.01 -0.19
C LEU B 139 -12.06 1.69 -0.82
N ALA B 140 -12.86 0.91 -0.11
CA ALA B 140 -13.27 -0.40 -0.61
C ALA B 140 -14.69 -0.68 -0.21
N ARG B 141 -15.27 -1.67 -0.88
CA ARG B 141 -16.58 -2.19 -0.58
C ARG B 141 -16.51 -3.67 -0.90
N LEU B 142 -16.97 -4.50 0.03
CA LEU B 142 -16.97 -5.93 -0.18
C LEU B 142 -18.11 -6.39 -1.09
N PRO B 143 -17.82 -7.28 -2.04
CA PRO B 143 -18.91 -7.91 -2.80
C PRO B 143 -20.01 -8.51 -1.92
N TYR B 144 -21.27 -8.24 -2.26
CA TYR B 144 -22.45 -8.83 -1.63
C TYR B 144 -22.78 -8.32 -0.26
N THR B 145 -21.96 -7.43 0.29
CA THR B 145 -21.98 -7.23 1.72
C THR B 145 -22.13 -5.79 2.13
N ASN B 146 -23.19 -5.50 2.85
CA ASN B 146 -23.47 -4.14 3.32
C ASN B 146 -22.71 -3.98 4.65
N GLY B 147 -21.40 -3.83 4.51
CA GLY B 147 -20.47 -3.81 5.62
C GLY B 147 -19.68 -2.52 5.66
N TRP B 148 -19.34 -2.09 6.87
CA TRP B 148 -18.83 -0.76 7.13
C TRP B 148 -17.64 -0.80 8.07
N ARG B 149 -16.56 -0.16 7.62
CA ARG B 149 -15.42 0.14 8.49
C ARG B 149 -15.08 1.60 8.24
N VAL B 150 -15.70 2.49 9.02
CA VAL B 150 -15.58 3.93 8.77
C VAL B 150 -14.69 4.59 9.83
N THR B 151 -15.03 4.41 11.09
CA THR B 151 -14.21 4.88 12.18
C THR B 151 -14.21 3.81 13.26
N LYS B 152 -13.40 4.05 14.28
CA LYS B 152 -13.31 3.16 15.42
C LYS B 152 -14.69 2.90 16.03
N HIS B 153 -15.57 3.90 15.97
CA HIS B 153 -16.90 3.80 16.57
C HIS B 153 -18.02 3.79 15.53
N PHE B 154 -17.67 3.55 14.28
CA PHE B 154 -18.65 3.44 13.20
C PHE B 154 -18.21 2.27 12.33
N GLN B 155 -18.67 1.08 12.70
CA GLN B 155 -18.43 -0.14 11.94
C GLN B 155 -19.52 -1.14 12.23
N ALA B 156 -19.83 -1.96 11.24
CA ALA B 156 -20.90 -2.95 11.37
C ALA B 156 -20.86 -3.86 10.18
N ASP B 157 -21.34 -5.08 10.35
CA ASP B 157 -21.26 -6.05 9.29
C ASP B 157 -22.63 -6.42 8.72
N GLY B 158 -22.61 -6.99 7.51
CA GLY B 158 -23.83 -7.53 6.91
C GLY B 158 -23.98 -8.98 7.33
N LEU B 159 -24.77 -9.22 8.37
CA LEU B 159 -24.73 -10.51 9.06
C LEU B 159 -25.46 -11.65 8.38
N CYS B 160 -26.18 -11.36 7.29
CA CYS B 160 -26.79 -12.41 6.48
C CYS B 160 -26.51 -12.17 5.00
N ALA B 161 -25.34 -11.60 4.71
CA ALA B 161 -25.03 -11.18 3.34
C ALA B 161 -24.82 -12.38 2.43
N THR B 162 -24.15 -13.39 2.95
CA THR B 162 -23.84 -14.58 2.16
C THR B 162 -24.11 -15.84 2.97
N SER B 163 -24.26 -16.96 2.27
CA SER B 163 -24.81 -18.17 2.88
C SER B 163 -23.89 -19.38 2.66
N ASP B 164 -24.05 -20.37 3.53
CA ASP B 164 -23.33 -21.62 3.39
C ASP B 164 -24.09 -22.69 2.63
N ASN B 165 -25.31 -22.39 2.17
CA ASN B 165 -26.09 -23.41 1.47
C ASN B 165 -27.19 -22.84 0.58
N LEU B 166 -28.26 -22.37 1.20
CA LEU B 166 -29.42 -21.91 0.45
C LEU B 166 -29.34 -20.40 0.18
N LYS B 167 -29.91 -20.00 -0.95
CA LYS B 167 -30.05 -18.59 -1.25
C LYS B 167 -31.28 -18.06 -0.52
N PRO B 168 -31.29 -16.74 -0.22
CA PRO B 168 -32.34 -16.12 0.61
C PRO B 168 -33.77 -16.35 0.11
N TRP B 169 -33.97 -16.49 -1.19
CA TRP B 169 -35.31 -16.66 -1.74
C TRP B 169 -35.70 -18.13 -1.86
N GLU B 170 -34.76 -19.03 -1.64
CA GLU B 170 -35.05 -20.45 -1.71
C GLU B 170 -35.83 -20.92 -0.48
N PRO B 171 -36.60 -22.01 -0.62
CA PRO B 171 -37.42 -22.51 0.49
C PRO B 171 -36.60 -23.10 1.62
N GLY B 172 -36.91 -22.72 2.85
CA GLY B 172 -36.21 -23.23 4.01
C GLY B 172 -34.96 -22.42 4.32
N TYR B 173 -34.82 -21.26 3.68
CA TYR B 173 -33.67 -20.41 3.95
C TYR B 173 -33.81 -19.78 5.32
N VAL B 174 -32.75 -19.88 6.12
CA VAL B 174 -32.76 -19.37 7.47
C VAL B 174 -31.56 -18.46 7.72
N CYS B 175 -31.86 -17.23 8.14
CA CYS B 175 -30.82 -16.26 8.47
C CYS B 175 -30.83 -16.00 9.97
N ASP B 176 -29.69 -16.21 10.61
CA ASP B 176 -29.56 -15.97 12.05
C ASP B 176 -28.38 -15.05 12.34
N PRO B 177 -28.66 -13.74 12.50
CA PRO B 177 -27.59 -12.76 12.72
C PRO B 177 -26.75 -13.08 13.95
N ALA B 178 -27.35 -13.70 14.96
CA ALA B 178 -26.64 -14.01 16.20
C ALA B 178 -25.65 -15.15 15.99
N ASN B 179 -25.89 -15.98 14.98
CA ASN B 179 -25.00 -17.09 14.67
C ASN B 179 -24.78 -17.15 13.16
N PRO B 180 -23.99 -16.21 12.64
CA PRO B 180 -23.89 -16.03 11.19
C PRO B 180 -23.20 -17.20 10.50
N SER B 181 -23.42 -17.29 9.18
CA SER B 181 -22.81 -18.31 8.35
C SER B 181 -21.28 -18.25 8.36
N ASN B 182 -20.65 -19.35 8.00
CA ASN B 182 -19.20 -19.37 7.82
C ASN B 182 -18.73 -18.33 6.80
N SER B 183 -19.51 -18.13 5.74
CA SER B 183 -19.15 -17.16 4.71
C SER B 183 -19.17 -15.76 5.32
N VAL B 184 -20.21 -15.45 6.08
CA VAL B 184 -20.31 -14.15 6.73
C VAL B 184 -19.14 -13.91 7.68
N LYS B 185 -18.83 -14.88 8.55
CA LYS B 185 -17.70 -14.76 9.48
C LYS B 185 -16.38 -14.50 8.73
N ALA B 186 -16.23 -15.16 7.60
CA ALA B 186 -15.04 -14.96 6.78
C ALA B 186 -15.03 -13.52 6.28
N SER B 187 -16.19 -13.02 5.86
CA SER B 187 -16.25 -11.67 5.30
C SER B 187 -15.92 -10.65 6.38
N ILE B 188 -16.28 -10.94 7.62
CA ILE B 188 -15.97 -10.05 8.72
C ILE B 188 -14.46 -9.97 8.92
N GLN B 189 -13.80 -11.12 8.84
CA GLN B 189 -12.34 -11.12 8.93
C GLN B 189 -11.69 -10.36 7.75
N VAL B 190 -12.27 -10.47 6.57
CA VAL B 190 -11.78 -9.69 5.43
C VAL B 190 -11.85 -8.19 5.70
N GLN B 191 -12.99 -7.71 6.21
CA GLN B 191 -13.15 -6.32 6.59
C GLN B 191 -12.00 -5.90 7.50
N ASN B 192 -11.74 -6.71 8.52
CA ASN B 192 -10.69 -6.38 9.49
C ASN B 192 -9.28 -6.36 8.90
N ILE B 193 -9.01 -7.25 7.95
CA ILE B 193 -7.71 -7.29 7.31
C ILE B 193 -7.51 -6.01 6.49
N LEU B 194 -8.55 -5.60 5.76
CA LEU B 194 -8.48 -4.42 4.91
C LEU B 194 -8.32 -3.17 5.79
N ALA B 195 -9.03 -3.13 6.92
CA ALA B 195 -8.96 -1.98 7.81
C ALA B 195 -7.54 -1.85 8.35
N ASN B 196 -6.90 -2.97 8.68
CA ASN B 196 -5.49 -2.95 9.09
C ASN B 196 -4.51 -2.57 7.98
N GLN B 197 -4.96 -2.59 6.74
CA GLN B 197 -4.16 -2.10 5.63
C GLN B 197 -4.52 -0.65 5.30
N GLY B 198 -5.36 -0.03 6.12
CA GLY B 198 -5.69 1.38 5.97
C GLY B 198 -6.93 1.67 5.15
N TYR B 199 -7.65 0.64 4.72
CA TYR B 199 -8.92 0.89 4.03
C TYR B 199 -10.02 1.33 4.97
N GLN B 200 -10.83 2.27 4.47
CA GLN B 200 -12.22 2.39 4.91
C GLN B 200 -13.09 1.54 3.99
N THR B 201 -14.15 0.96 4.54
CA THR B 201 -15.15 0.31 3.71
C THR B 201 -16.52 0.90 4.03
N HIS B 202 -17.36 1.02 3.01
CA HIS B 202 -18.69 1.57 3.20
C HIS B 202 -19.74 0.69 2.55
N GLY B 203 -20.88 0.54 3.22
CA GLY B 203 -22.03 -0.12 2.64
C GLY B 203 -22.94 0.87 1.94
N TRP B 204 -24.25 0.71 2.09
CA TRP B 204 -25.20 1.59 1.39
C TRP B 204 -26.51 1.71 2.15
N ASP B 205 -27.24 2.76 1.84
CA ASP B 205 -28.54 3.04 2.43
C ASP B 205 -29.69 2.62 1.51
N VAL B 206 -29.52 2.81 0.22
CA VAL B 206 -30.52 2.44 -0.76
C VAL B 206 -29.88 1.84 -2.00
N ASP B 207 -30.60 0.95 -2.64
CA ASP B 207 -30.09 0.17 -3.74
C ASP B 207 -30.98 0.44 -4.95
N TRP B 208 -30.46 1.11 -5.96
CA TRP B 208 -31.25 1.42 -7.15
C TRP B 208 -31.19 0.22 -8.08
N ALA B 209 -32.24 -0.60 -8.05
CA ALA B 209 -32.25 -1.87 -8.73
C ALA B 209 -33.60 -2.16 -9.38
N PRO B 210 -33.66 -3.23 -10.19
CA PRO B 210 -34.93 -3.68 -10.75
C PRO B 210 -36.00 -3.84 -9.68
N GLU B 211 -37.18 -3.31 -9.98
CA GLU B 211 -38.36 -3.48 -9.16
C GLU B 211 -38.93 -4.89 -9.42
N ASN B 212 -38.52 -5.52 -10.52
CA ASN B 212 -39.04 -6.83 -10.88
C ASN B 212 -38.01 -7.66 -11.62
N TRP B 213 -37.42 -8.64 -10.93
CA TRP B 213 -36.38 -9.48 -11.50
C TRP B 213 -36.93 -10.65 -12.32
N GLY B 214 -38.25 -10.84 -12.30
CA GLY B 214 -38.83 -12.00 -12.94
C GLY B 214 -39.31 -11.79 -14.38
N ILE B 215 -38.89 -10.69 -15.00
CA ILE B 215 -39.24 -10.44 -16.39
C ILE B 215 -37.99 -10.66 -17.25
N PRO B 216 -38.17 -10.80 -18.57
CA PRO B 216 -37.01 -11.07 -19.42
C PRO B 216 -36.06 -9.87 -19.59
N MET B 217 -36.52 -8.67 -19.23
CA MET B 217 -35.69 -7.48 -19.28
C MET B 217 -35.77 -6.71 -17.95
N PRO B 218 -35.22 -7.31 -16.88
CA PRO B 218 -35.43 -6.77 -15.53
C PRO B 218 -34.90 -5.36 -15.34
N ALA B 219 -33.88 -4.99 -16.11
CA ALA B 219 -33.32 -3.65 -16.01
C ALA B 219 -34.38 -2.60 -16.36
N ASN B 220 -35.30 -2.95 -17.25
CA ASN B 220 -36.41 -2.05 -17.62
C ASN B 220 -37.22 -1.62 -16.41
N SER B 221 -37.27 -2.46 -15.38
CA SER B 221 -38.05 -2.17 -14.18
C SER B 221 -37.32 -1.34 -13.13
N LEU B 222 -36.15 -0.81 -13.45
CA LEU B 222 -35.43 0.05 -12.51
C LEU B 222 -36.35 1.17 -12.06
N THR B 223 -36.39 1.42 -10.76
CA THR B 223 -37.24 2.47 -10.22
C THR B 223 -37.10 3.78 -10.99
N GLU B 224 -38.23 4.40 -11.31
CA GLU B 224 -38.25 5.68 -12.00
C GLU B 224 -37.71 6.78 -11.07
N ALA B 225 -37.25 7.88 -11.66
CA ALA B 225 -36.58 8.93 -10.90
C ALA B 225 -37.40 9.49 -9.74
N VAL B 226 -38.64 9.88 -10.00
CA VAL B 226 -39.46 10.45 -8.93
C VAL B 226 -39.65 9.51 -7.73
N PRO B 227 -40.13 8.27 -7.96
CA PRO B 227 -40.33 7.39 -6.80
C PRO B 227 -38.99 7.03 -6.15
N PHE B 228 -37.92 7.02 -6.93
CA PHE B 228 -36.62 6.72 -6.33
C PHE B 228 -36.20 7.86 -5.39
N LEU B 229 -36.51 9.09 -5.77
CA LEU B 229 -36.19 10.22 -4.93
C LEU B 229 -36.99 10.11 -3.66
N ALA B 230 -38.22 9.60 -3.75
CA ALA B 230 -38.98 9.28 -2.56
C ALA B 230 -38.25 8.28 -1.64
N TYR B 231 -37.69 7.20 -2.22
CA TYR B 231 -36.88 6.26 -1.41
C TYR B 231 -35.73 6.96 -0.67
N VAL B 232 -35.04 7.84 -1.38
CA VAL B 232 -33.93 8.60 -0.80
C VAL B 232 -34.41 9.51 0.35
N ASP B 233 -35.54 10.19 0.17
CA ASP B 233 -36.09 11.06 1.19
C ASP B 233 -36.39 10.23 2.43
N LYS B 234 -36.91 9.04 2.19
CA LYS B 234 -37.31 8.14 3.26
C LYS B 234 -36.09 7.59 4.01
N ALA B 235 -34.98 7.41 3.30
CA ALA B 235 -33.74 6.97 3.95
C ALA B 235 -33.03 8.08 4.74
N LEU B 236 -33.25 9.32 4.35
CA LEU B 236 -32.61 10.44 5.05
C LEU B 236 -32.89 10.40 6.54
N ASN B 237 -31.85 10.13 7.32
CA ASN B 237 -31.91 10.10 8.79
C ASN B 237 -32.79 9.01 9.41
N SER B 238 -32.93 7.87 8.73
CA SER B 238 -33.87 6.85 9.17
C SER B 238 -33.25 5.44 9.30
N CYS B 239 -31.93 5.38 9.33
CA CYS B 239 -31.21 4.12 9.57
C CYS B 239 -31.62 2.99 8.59
N SER B 240 -31.64 3.34 7.30
CA SER B 240 -32.03 2.42 6.23
C SER B 240 -31.31 1.06 6.20
N PRO B 241 -30.03 1.03 6.61
CA PRO B 241 -29.32 -0.25 6.52
C PRO B 241 -29.92 -1.35 7.39
N THR B 242 -30.71 -0.96 8.41
CA THR B 242 -31.34 -1.95 9.28
C THR B 242 -32.70 -2.39 8.75
N THR B 243 -33.33 -1.56 7.92
CA THR B 243 -34.70 -1.82 7.46
C THR B 243 -34.77 -2.23 5.99
N ILE B 244 -33.66 -2.08 5.26
CA ILE B 244 -33.59 -2.41 3.86
C ILE B 244 -33.92 -3.88 3.57
N GLU B 245 -34.53 -4.10 2.41
CA GLU B 245 -34.78 -5.44 1.89
C GLU B 245 -34.08 -5.55 0.56
N PRO B 246 -33.63 -6.77 0.21
CA PRO B 246 -33.82 -8.03 0.93
C PRO B 246 -32.89 -8.23 2.14
N ILE B 247 -33.07 -9.36 2.81
CA ILE B 247 -32.47 -9.62 4.10
C ILE B 247 -30.93 -9.63 4.03
N ASN B 248 -30.41 -10.04 2.88
CA ASN B 248 -28.96 -10.12 2.68
C ASN B 248 -28.31 -8.78 2.38
N SER B 249 -29.13 -7.73 2.28
CA SER B 249 -28.60 -6.37 2.10
C SER B 249 -28.58 -5.61 3.43
N LYS B 250 -29.01 -6.26 4.51
CA LYS B 250 -29.08 -5.59 5.80
C LYS B 250 -27.74 -5.43 6.53
N THR B 251 -27.65 -4.37 7.33
CA THR B 251 -26.63 -4.19 8.35
C THR B 251 -27.37 -4.14 9.67
N GLN B 252 -27.49 -5.29 10.33
CA GLN B 252 -28.39 -5.43 11.46
C GLN B 252 -28.00 -4.54 12.63
N GLU B 253 -26.70 -4.41 12.88
CA GLU B 253 -26.20 -3.64 14.02
C GLU B 253 -25.61 -2.31 13.59
N PHE B 254 -26.10 -1.78 12.48
CA PHE B 254 -25.69 -0.44 12.07
C PHE B 254 -25.99 0.53 13.21
N PRO B 255 -25.04 1.43 13.52
CA PRO B 255 -25.16 2.35 14.65
C PRO B 255 -26.09 3.51 14.34
N CYS B 256 -27.39 3.25 14.41
CA CYS B 256 -28.41 4.24 14.08
C CYS B 256 -28.15 5.57 14.80
N GLY B 257 -28.30 6.67 14.08
CA GLY B 257 -28.13 7.99 14.67
C GLY B 257 -26.69 8.47 14.80
N THR B 258 -25.72 7.66 14.41
CA THR B 258 -24.33 8.08 14.50
C THR B 258 -24.10 9.35 13.67
N PRO B 259 -23.49 10.37 14.27
CA PRO B 259 -23.44 11.71 13.65
C PRO B 259 -22.84 11.73 12.26
N LEU B 260 -21.87 10.86 11.97
CA LEU B 260 -21.23 10.88 10.68
C LEU B 260 -22.20 10.48 9.57
N HIS B 261 -23.26 9.75 9.94
CA HIS B 261 -24.24 9.24 8.98
C HIS B 261 -25.41 10.20 8.79
N ALA B 262 -25.52 11.21 9.66
CA ALA B 262 -26.65 12.16 9.57
C ALA B 262 -26.67 12.96 8.28
N ASP B 263 -27.87 13.15 7.74
CA ASP B 263 -28.09 13.97 6.54
C ASP B 263 -27.34 13.45 5.32
N LYS B 264 -27.17 12.14 5.23
CA LYS B 264 -26.46 11.53 4.11
C LYS B 264 -27.14 10.26 3.67
N VAL B 265 -27.18 10.04 2.36
CA VAL B 265 -27.72 8.81 1.79
C VAL B 265 -26.75 8.28 0.75
N ILE B 266 -26.27 7.07 0.98
CA ILE B 266 -25.42 6.41 0.00
C ILE B 266 -26.31 5.55 -0.88
N VAL B 267 -26.29 5.84 -2.18
CA VAL B 267 -26.99 5.03 -3.17
C VAL B 267 -26.05 4.01 -3.80
N LEU B 268 -26.45 2.74 -3.75
CA LEU B 268 -25.80 1.70 -4.51
C LEU B 268 -26.53 1.44 -5.84
N THR B 269 -25.78 1.34 -6.92
CA THR B 269 -26.31 0.77 -8.14
C THR B 269 -25.15 0.10 -8.89
N HIS B 270 -25.45 -0.44 -10.06
CA HIS B 270 -24.46 -1.15 -10.86
C HIS B 270 -24.42 -0.62 -12.29
N ASP B 271 -23.21 -0.42 -12.82
CA ASP B 271 -23.05 0.05 -14.19
C ASP B 271 -23.88 -0.81 -15.15
N PHE B 272 -23.88 -2.13 -14.94
CA PHE B 272 -24.50 -3.05 -15.88
C PHE B 272 -26.02 -2.88 -16.01
N LEU B 273 -26.64 -2.12 -15.11
CA LEU B 273 -28.09 -1.86 -15.21
C LEU B 273 -28.41 -0.76 -16.21
N PHE B 274 -27.37 -0.17 -16.79
CA PHE B 274 -27.51 0.95 -17.72
C PHE B 274 -27.00 0.57 -19.10
N GLU B 275 -27.10 -0.72 -19.41
CA GLU B 275 -26.68 -1.22 -20.71
C GLU B 275 -27.86 -1.85 -21.45
N ASP B 276 -27.97 -1.59 -22.74
CA ASP B 276 -28.90 -2.36 -23.58
C ASP B 276 -28.27 -3.73 -23.84
N GLY B 277 -28.84 -4.78 -23.28
CA GLY B 277 -28.24 -6.11 -23.33
C GLY B 277 -29.05 -7.19 -22.63
N LYS B 278 -28.35 -8.18 -22.11
CA LYS B 278 -28.99 -9.38 -21.57
C LYS B 278 -29.89 -9.12 -20.36
N ARG B 279 -29.81 -7.93 -19.76
CA ARG B 279 -30.69 -7.59 -18.64
C ARG B 279 -31.80 -6.64 -19.06
N GLY B 280 -31.83 -6.31 -20.35
CA GLY B 280 -32.89 -5.48 -20.90
C GLY B 280 -32.34 -4.25 -21.57
N MET B 281 -33.22 -3.27 -21.81
CA MET B 281 -32.84 -2.03 -22.48
C MET B 281 -32.35 -1.01 -21.47
N GLY B 282 -31.24 -1.33 -20.79
CA GLY B 282 -30.75 -0.52 -19.69
C GLY B 282 -30.26 0.87 -20.07
N ALA B 283 -29.52 0.99 -21.17
CA ALA B 283 -29.10 2.32 -21.62
C ALA B 283 -30.32 3.21 -21.95
N THR B 284 -31.17 2.70 -22.83
CA THR B 284 -32.31 3.48 -23.35
C THR B 284 -33.32 3.86 -22.27
N GLN B 285 -33.65 2.90 -21.41
CA GLN B 285 -34.63 3.13 -20.36
C GLN B 285 -34.05 3.88 -19.14
N ASN B 286 -32.79 3.60 -18.80
CA ASN B 286 -32.27 3.99 -17.48
C ASN B 286 -31.30 5.17 -17.45
N LEU B 287 -30.60 5.44 -18.53
CA LEU B 287 -29.77 6.63 -18.57
C LEU B 287 -30.62 7.89 -18.41
N PRO B 288 -31.85 7.90 -18.99
CA PRO B 288 -32.73 9.03 -18.73
C PRO B 288 -33.21 9.13 -17.29
N LYS B 289 -33.43 7.99 -16.64
CA LYS B 289 -33.84 8.00 -15.25
C LYS B 289 -32.74 8.61 -14.39
N LEU B 290 -31.49 8.28 -14.71
CA LEU B 290 -30.35 8.78 -13.94
C LEU B 290 -30.24 10.29 -14.09
N ALA B 291 -30.32 10.76 -15.34
CA ALA B 291 -30.26 12.19 -15.63
C ALA B 291 -31.37 12.94 -14.91
N GLU B 292 -32.59 12.41 -14.96
CA GLU B 292 -33.73 13.08 -14.32
C GLU B 292 -33.60 13.05 -12.82
N PHE B 293 -33.11 11.93 -12.27
CA PHE B 293 -32.96 11.85 -10.83
C PHE B 293 -32.00 12.91 -10.33
N ILE B 294 -30.90 13.11 -11.03
CA ILE B 294 -29.93 14.11 -10.60
C ILE B 294 -30.57 15.51 -10.61
N ARG B 295 -31.27 15.83 -11.69
CA ARG B 295 -31.91 17.14 -11.81
C ARG B 295 -32.86 17.41 -10.67
N ILE B 296 -33.75 16.46 -10.40
CA ILE B 296 -34.78 16.68 -9.41
C ILE B 296 -34.27 16.59 -7.99
N ALA B 297 -33.25 15.78 -7.74
CA ALA B 297 -32.66 15.71 -6.41
C ALA B 297 -32.08 17.08 -6.05
N LYS B 298 -31.37 17.69 -6.99
CA LYS B 298 -30.82 19.03 -6.79
C LYS B 298 -31.93 20.04 -6.57
N GLU B 299 -32.99 19.94 -7.38
CA GLU B 299 -34.12 20.86 -7.26
C GLU B 299 -34.72 20.75 -5.88
N ALA B 300 -34.69 19.54 -5.33
CA ALA B 300 -35.26 19.27 -4.01
C ALA B 300 -34.35 19.73 -2.87
N GLY B 301 -33.13 20.11 -3.18
CA GLY B 301 -32.23 20.67 -2.19
C GLY B 301 -31.06 19.79 -1.80
N TYR B 302 -30.89 18.66 -2.49
CA TYR B 302 -29.75 17.79 -2.20
C TYR B 302 -28.52 18.27 -2.95
N VAL B 303 -27.35 17.92 -2.43
CA VAL B 303 -26.11 18.06 -3.18
C VAL B 303 -25.47 16.69 -3.34
N PHE B 304 -24.55 16.54 -4.28
CA PHE B 304 -23.92 15.24 -4.51
C PHE B 304 -22.45 15.27 -4.13
N ASP B 305 -21.95 14.19 -3.54
CA ASP B 305 -20.55 14.13 -3.17
C ASP B 305 -19.99 12.73 -3.33
N THR B 306 -18.68 12.59 -3.06
CA THR B 306 -17.99 11.31 -3.21
C THR B 306 -17.46 10.72 -1.90
N MET B 307 -17.11 9.43 -1.95
CA MET B 307 -16.94 8.69 -0.71
C MET B 307 -15.64 9.07 0.01
N ASP B 308 -14.70 9.65 -0.71
CA ASP B 308 -13.52 10.20 -0.08
C ASP B 308 -13.84 11.42 0.78
N ASN B 309 -15.07 11.93 0.69
CA ASN B 309 -15.48 13.07 1.53
C ASN B 309 -16.59 12.70 2.49
N TYR B 310 -17.00 11.43 2.49
CA TYR B 310 -18.08 10.99 3.36
C TYR B 310 -17.71 11.28 4.81
N THR B 311 -16.47 10.95 5.16
CA THR B 311 -15.83 11.47 6.37
C THR B 311 -15.19 12.77 5.90
N PRO B 312 -15.64 13.91 6.43
CA PRO B 312 -15.22 15.19 5.87
C PRO B 312 -13.74 15.46 6.02
N ARG B 313 -13.14 16.03 4.99
CA ARG B 313 -11.73 16.34 5.05
C ARG B 313 -11.49 17.46 6.03
N TRP B 314 -10.39 17.36 6.77
CA TRP B 314 -9.99 18.41 7.67
C TRP B 314 -9.73 19.67 6.85
N SER B 315 -10.17 20.82 7.35
CA SER B 315 -9.97 22.04 6.58
C SER B 315 -9.66 23.23 7.47
N VAL B 316 -8.64 23.98 7.11
CA VAL B 316 -8.18 25.04 8.00
C VAL B 316 -9.21 26.15 8.00
N GLY B 317 -9.36 26.78 9.17
CA GLY B 317 -10.35 27.82 9.35
C GLY B 317 -11.66 27.28 9.91
N LYS B 318 -11.85 25.97 9.85
CA LYS B 318 -13.08 25.38 10.37
C LYS B 318 -12.98 25.22 11.89
N THR B 319 -14.10 25.38 12.55
CA THR B 319 -14.14 25.19 14.00
C THR B 319 -14.69 23.80 14.26
N TYR B 320 -13.94 23.00 14.99
CA TYR B 320 -14.32 21.63 15.27
C TYR B 320 -14.77 21.52 16.72
N GLN B 321 -15.66 20.58 16.98
CA GLN B 321 -16.15 20.32 18.33
C GLN B 321 -15.52 19.03 18.85
N ALA B 322 -15.42 18.91 20.17
CA ALA B 322 -14.91 17.71 20.78
C ALA B 322 -15.69 16.50 20.24
N GLY B 323 -14.98 15.48 19.81
CA GLY B 323 -15.62 14.26 19.34
C GLY B 323 -15.96 14.22 17.87
N GLU B 324 -15.68 15.28 17.12
CA GLU B 324 -15.98 15.27 15.69
C GLU B 324 -14.89 14.57 14.88
N TYR B 325 -15.28 13.90 13.81
CA TYR B 325 -14.34 13.16 12.97
C TYR B 325 -14.00 13.90 11.68
N VAL B 326 -12.76 13.74 11.26
CA VAL B 326 -12.29 14.23 9.97
C VAL B 326 -11.43 13.16 9.32
N LEU B 327 -11.17 13.34 8.03
CA LEU B 327 -10.21 12.51 7.32
C LEU B 327 -9.05 13.43 6.99
N TYR B 328 -7.82 12.97 7.23
CA TYR B 328 -6.66 13.75 6.88
C TYR B 328 -5.56 12.86 6.35
N GLN B 329 -5.19 13.06 5.10
CA GLN B 329 -4.19 12.23 4.40
C GLN B 329 -4.55 10.74 4.49
N GLY B 330 -5.83 10.43 4.31
CA GLY B 330 -6.30 9.06 4.28
C GLY B 330 -6.55 8.42 5.65
N VAL B 331 -6.31 9.17 6.71
CA VAL B 331 -6.47 8.65 8.07
C VAL B 331 -7.59 9.38 8.82
N VAL B 332 -8.37 8.64 9.61
CA VAL B 332 -9.48 9.21 10.37
C VAL B 332 -8.99 9.72 11.72
N TYR B 333 -9.40 10.93 12.09
CA TYR B 333 -9.06 11.52 13.37
C TYR B 333 -10.30 12.05 14.07
N LYS B 334 -10.19 12.15 15.38
CA LYS B 334 -11.29 12.57 16.24
C LYS B 334 -10.80 13.74 17.09
N ALA B 335 -11.53 14.86 17.10
CA ALA B 335 -11.11 16.04 17.87
C ALA B 335 -11.16 15.86 19.40
N VAL B 336 -10.13 16.36 20.07
CA VAL B 336 -9.98 16.21 21.51
C VAL B 336 -10.75 17.33 22.22
N ILE B 337 -10.59 18.54 21.72
CA ILE B 337 -11.34 19.68 22.26
C ILE B 337 -11.86 20.54 21.13
N SER B 338 -12.86 21.33 21.46
CA SER B 338 -13.33 22.34 20.54
C SER B 338 -12.20 23.34 20.22
N HIS B 339 -11.98 23.60 18.93
CA HIS B 339 -10.97 24.56 18.51
C HIS B 339 -11.15 24.96 17.04
N THR B 340 -10.41 25.98 16.61
CA THR B 340 -10.39 26.38 15.21
C THR B 340 -9.11 25.89 14.53
N ALA B 341 -9.27 25.14 13.45
CA ALA B 341 -8.13 24.54 12.78
C ALA B 341 -7.23 25.61 12.19
N GLN B 342 -5.96 25.60 12.57
CA GLN B 342 -4.94 26.42 11.91
C GLN B 342 -4.10 25.55 10.97
N GLN B 343 -3.50 26.20 9.98
CA GLN B 343 -2.66 25.56 8.99
C GLN B 343 -1.68 24.54 9.55
N ASP B 344 -0.94 24.95 10.59
CA ASP B 344 0.10 24.11 11.14
C ASP B 344 -0.40 23.06 12.13
N TRP B 345 -1.69 23.11 12.48
CA TRP B 345 -2.24 22.20 13.50
C TRP B 345 -3.01 21.02 12.94
N ALA B 346 -2.49 20.40 11.90
CA ALA B 346 -3.20 19.29 11.27
C ALA B 346 -3.16 18.06 12.20
N PRO B 347 -4.16 17.19 12.08
CA PRO B 347 -4.13 15.96 12.87
C PRO B 347 -2.92 15.12 12.53
N SER B 348 -2.45 14.32 13.49
CA SER B 348 -1.32 13.45 13.26
C SER B 348 -1.15 12.52 14.45
N SER B 349 -0.16 11.64 14.34
CA SER B 349 0.14 10.67 15.38
C SER B 349 0.70 11.34 16.64
N THR B 350 1.03 12.63 16.56
CA THR B 350 1.52 13.31 17.75
C THR B 350 0.69 14.50 18.18
N SER B 351 -0.43 14.76 17.51
CA SER B 351 -1.24 15.93 17.80
C SER B 351 -1.84 15.86 19.22
N SER B 352 -1.96 17.00 19.92
CA SER B 352 -2.71 17.05 21.17
C SER B 352 -4.19 17.37 20.91
N LEU B 353 -4.51 17.78 19.68
CA LEU B 353 -5.84 18.24 19.34
C LEU B 353 -6.68 17.15 18.71
N TRP B 354 -6.04 16.05 18.32
CA TRP B 354 -6.72 14.95 17.65
C TRP B 354 -6.15 13.61 18.11
N THR B 355 -6.97 12.56 18.05
CA THR B 355 -6.50 11.20 18.16
C THR B 355 -6.84 10.45 16.88
N ASN B 356 -6.03 9.46 16.56
CA ASN B 356 -6.28 8.56 15.44
C ASN B 356 -7.50 7.73 15.78
N ALA B 357 -8.46 7.67 14.85
CA ALA B 357 -9.66 6.86 15.04
C ALA B 357 -9.96 6.00 13.82
N ASP B 358 -8.92 5.54 13.13
CA ASP B 358 -9.09 4.57 12.05
C ASP B 358 -9.84 3.34 12.58
N PRO B 359 -10.64 2.69 11.72
CA PRO B 359 -11.44 1.52 12.13
C PRO B 359 -10.62 0.22 12.17
N ALA B 360 -9.41 0.30 12.71
CA ALA B 360 -8.44 -0.79 12.63
C ALA B 360 -8.29 -1.47 14.00
N THR B 361 -7.58 -2.60 14.02
CA THR B 361 -7.38 -3.37 15.25
C THR B 361 -5.91 -3.59 15.63
N ASN B 362 -4.97 -3.27 14.74
CA ASN B 362 -3.57 -3.29 15.12
C ASN B 362 -3.26 -2.12 16.01
N TRP B 363 -2.53 -2.38 17.10
CA TRP B 363 -2.13 -1.30 17.99
C TRP B 363 -1.46 -0.19 17.21
N THR B 364 -1.83 1.04 17.56
CA THR B 364 -1.44 2.22 16.81
C THR B 364 -1.29 3.38 17.81
N LEU B 365 -0.33 4.26 17.51
CA LEU B 365 -0.04 5.42 18.34
CA LEU B 365 -0.03 5.42 18.33
C LEU B 365 -1.16 6.46 18.30
N ASN B 366 -1.41 7.10 19.43
CA ASN B 366 -2.34 8.23 19.60
C ASN B 366 -3.79 7.85 19.28
N VAL B 367 -4.19 6.68 19.74
CA VAL B 367 -5.55 6.19 19.59
C VAL B 367 -6.17 6.17 20.99
N SER B 368 -7.40 6.65 21.11
CA SER B 368 -8.14 6.55 22.35
C SER B 368 -8.79 5.15 22.46
N TYR B 369 -8.21 4.28 23.28
CA TYR B 369 -8.71 2.91 23.43
C TYR B 369 -9.72 2.78 24.57
N GLU B 370 -10.79 2.03 24.33
CA GLU B 370 -11.80 1.79 25.34
C GLU B 370 -11.58 0.44 26.02
N GLN B 371 -12.13 0.29 27.22
CA GLN B 371 -12.07 -0.99 27.91
CA GLN B 371 -12.12 -0.98 27.93
C GLN B 371 -12.74 -2.06 27.06
N GLY B 372 -12.07 -3.19 26.92
CA GLY B 372 -12.59 -4.29 26.15
C GLY B 372 -12.14 -4.32 24.70
N ASP B 373 -11.55 -3.23 24.21
CA ASP B 373 -10.97 -3.25 22.86
C ASP B 373 -9.92 -4.35 22.82
N ILE B 374 -9.74 -4.98 21.67
CA ILE B 374 -8.70 -5.98 21.49
C ILE B 374 -7.78 -5.47 20.38
N VAL B 375 -6.49 -5.42 20.67
CA VAL B 375 -5.52 -4.91 19.71
C VAL B 375 -4.50 -5.99 19.41
N ASN B 376 -3.93 -5.93 18.22
CA ASN B 376 -2.86 -6.81 17.83
C ASN B 376 -1.53 -6.07 17.93
N TYR B 377 -0.50 -6.74 18.43
CA TYR B 377 0.83 -6.14 18.47
C TYR B 377 1.89 -7.23 18.39
N LYS B 378 2.78 -7.14 17.40
CA LYS B 378 3.81 -8.15 17.19
C LYS B 378 3.27 -9.57 17.26
N GLY B 379 2.18 -9.80 16.54
CA GLY B 379 1.66 -11.14 16.33
C GLY B 379 0.89 -11.71 17.50
N LYS B 380 0.65 -10.90 18.54
CA LYS B 380 -0.15 -11.34 19.69
C LYS B 380 -1.34 -10.42 19.91
N ARG B 381 -2.36 -10.95 20.57
CA ARG B 381 -3.55 -10.18 20.87
C ARG B 381 -3.58 -9.73 22.33
N TYR B 382 -4.14 -8.54 22.58
CA TYR B 382 -4.17 -7.93 23.89
C TYR B 382 -5.51 -7.27 24.14
N LEU B 383 -6.10 -7.54 25.28
CA LEU B 383 -7.29 -6.85 25.75
C LEU B 383 -6.90 -5.54 26.41
N VAL B 384 -7.61 -4.46 26.11
CA VAL B 384 -7.37 -3.21 26.82
C VAL B 384 -8.09 -3.26 28.16
N SER B 385 -7.33 -3.31 29.25
CA SER B 385 -7.93 -3.42 30.58
C SER B 385 -8.12 -2.05 31.20
N VAL B 386 -7.21 -1.14 30.89
CA VAL B 386 -7.32 0.23 31.35
C VAL B 386 -7.48 1.13 30.14
N PRO B 387 -8.66 1.74 29.98
CA PRO B 387 -8.81 2.61 28.81
C PRO B 387 -7.81 3.75 28.87
N HIS B 388 -7.26 4.14 27.72
CA HIS B 388 -6.25 5.18 27.73
C HIS B 388 -5.96 5.62 26.30
N VAL B 389 -5.17 6.67 26.15
CA VAL B 389 -4.70 7.11 24.83
C VAL B 389 -3.30 6.54 24.66
N SER B 390 -3.08 5.76 23.60
CA SER B 390 -1.82 5.09 23.40
C SER B 390 -0.66 6.05 23.15
N GLN B 391 0.51 5.66 23.65
CA GLN B 391 1.73 6.39 23.32
C GLN B 391 2.90 5.44 23.11
N GLN B 392 4.00 5.97 22.62
CA GLN B 392 5.07 5.12 22.08
C GLN B 392 5.70 4.25 23.16
N ASP B 393 5.81 4.76 24.37
CA ASP B 393 6.43 3.98 25.44
C ASP B 393 5.46 3.02 26.15
N TRP B 394 4.19 3.01 25.73
CA TRP B 394 3.19 2.12 26.30
C TRP B 394 2.75 1.04 25.32
N THR B 395 3.71 0.40 24.66
CA THR B 395 3.39 -0.71 23.78
C THR B 395 2.84 -1.88 24.62
N PRO B 396 1.93 -2.67 24.04
CA PRO B 396 1.27 -3.71 24.85
C PRO B 396 2.21 -4.77 25.42
N ASP B 397 3.32 -5.06 24.75
CA ASP B 397 4.27 -6.04 25.25
C ASP B 397 5.02 -5.53 26.50
N THR B 398 5.01 -4.23 26.75
CA THR B 398 5.71 -3.68 27.94
C THR B 398 4.76 -3.16 29.02
N GLN B 399 3.46 -3.31 28.81
CA GLN B 399 2.49 -2.63 29.66
C GLN B 399 1.42 -3.58 30.14
N ASN B 400 1.75 -4.34 31.18
CA ASN B 400 0.88 -5.44 31.58
C ASN B 400 -0.18 -5.02 32.57
N THR B 401 -0.31 -3.72 32.81
CA THR B 401 -1.45 -3.22 33.57
C THR B 401 -2.49 -2.66 32.63
N LEU B 402 -2.06 -1.93 31.61
CA LEU B 402 -3.00 -1.32 30.69
C LEU B 402 -3.62 -2.38 29.78
N PHE B 403 -2.83 -3.40 29.45
CA PHE B 403 -3.23 -4.47 28.54
C PHE B 403 -3.10 -5.84 29.20
N THR B 404 -3.93 -6.80 28.80
CA THR B 404 -3.82 -8.16 29.26
C THR B 404 -3.67 -9.08 28.07
N ALA B 405 -2.59 -9.84 28.02
CA ALA B 405 -2.38 -10.73 26.90
C ALA B 405 -3.49 -11.77 26.85
N LEU B 406 -3.92 -12.06 25.63
CA LEU B 406 -4.90 -13.10 25.38
C LEU B 406 -4.18 -14.38 24.95
N GLU B 407 -4.85 -15.52 25.08
ZN ZN C . 19.46 -9.70 -3.82
CA CA D . 7.36 6.63 2.21
C ACT E . 20.88 -7.68 -4.10
O ACT E . 20.33 -8.12 -5.12
OXT ACT E . 20.72 -8.37 -3.08
CH3 ACT E . 21.67 -6.40 -4.11
C1 GOL F . 2.36 -0.21 -3.46
O1 GOL F . 2.17 -1.49 -4.04
C2 GOL F . 1.79 -0.16 -2.05
O2 GOL F . 0.98 -1.28 -1.82
C3 GOL F . 2.93 -0.10 -1.04
O3 GOL F . 3.20 1.24 -0.69
ZN ZN G . -20.55 -5.99 -6.57
CA CA H . -7.06 5.06 5.48
C ACT I . -21.97 -5.34 -4.52
O ACT I . -21.40 -6.45 -4.61
OXT ACT I . -21.85 -4.58 -5.50
CH3 ACT I . -22.74 -4.94 -3.29
C1 GOL J . -2.84 -3.11 1.21
O1 GOL J . -2.82 -3.74 -0.05
C2 GOL J . -2.37 -1.68 1.03
O2 GOL J . -1.41 -1.64 -0.02
C3 GOL J . -3.57 -0.80 0.70
O3 GOL J . -3.33 0.52 1.15
#